data_3AR3
#
_entry.id   3AR3
#
_cell.length_a   71.309
_cell.length_b   71.309
_cell.length_c   590.026
_cell.angle_alpha   90.00
_cell.angle_beta   90.00
_cell.angle_gamma   90.00
#
_symmetry.space_group_name_H-M   'P 41 21 2'
#
loop_
_entity.id
_entity.type
_entity.pdbx_description
1 polymer 'Sarcoplasmic/endoplasmic reticulum calcium ATPase 1'
2 non-polymer 'SODIUM ION'
3 non-polymer 'MAGNESIUM ION'
4 non-polymer 'OCTANOIC ACID [3S-[3ALPHA, 3ABETA, 4ALPHA, 6BETA, 6ABETA, 7BETA, 8ALPHA(Z), 9BALPHA]]-6-(ACETYLOXY)-2,3,-3A,4,5,6,6A,7,8,9B-DECAHYDRO-3,3A-DIHYDROXY-3,6,9-TRIMETHYL-8-[(2-METHYL-1-OXO-2-BUTENYL)OX Y]-2-OXO-4-(1-OXOBUTOXY)-AZULENO[4,5-B]FURAN-7-YL ESTER'
5 non-polymer PHOSPHATIDYLETHANOLAMINE
6 non-polymer "ADENOSINE-5'-DIPHOSPHATE"
7 water water
#
_entity_poly.entity_id   1
_entity_poly.type   'polypeptide(L)'
_entity_poly.pdbx_seq_one_letter_code
;(ACE)MEAAHSKSTEECLAYFGVSETTGLTPDQVKRHLEKYGHNELPAEEGKSLWELVIEQFEDLLVRILLLAACISFVL
AWFEEGEETITAFVEPFVILLILIANAIVGVWQERNAENAIEALKEYEPEMGKVYRADRKSVQRIKARDIVPGDIVEVAV
GDKVPADIRILSIKSTTLRVDQSILTGESVSVIKHTEPVPDPRAVNQDKKNMLFSGTNIAAGKALGIVATTGVSTEIGKI
RDQMAATEQDKTPLQQKLDEFGEQLSKVISLICVAVWLINIGHFNDPVHGGSWIRGAIYYFKIAVALAVAAIPEGLPAVI
TTCLALGTRRMAKKNAIVRSLPSVETLGCTSVICSDKTGTLTTNQMSVCKMFIIDKVDGDFCSLNEFSITGSTYAPEGEV
LKNDKPIRSGQFDGLVELATICALCNDSSLDFNETKGVYEKVGEATETALTTLVEKMNVFNTEVRNLSKVERANACNSVI
RQLMKKEFTLEFSRDRKSMSVYCSPAKSSRAAVGNKMFVKGAPEGVIDRCNYVRVGTTRVPMTGPVKEKILSVIKEWGTG
RDTLRCLALATRDTPPKREEMVLDDSSRFMEYETDLTFVGVVGMLDPPRKEVMGSIQLCRDAGIRVIMITGDNKGTAIAI
CRRIGIFGENEEVADRAYTGREFDDLPLAEQREACRRACCFARVEPSHKSKIVEYLQSYDEITAMTGDGVNDAPALKKAE
IGIAMGSGTAVAKTASEMVLADDNFSTIVAAVEEGRAIYNNMKQFIRYLISSNVGEVVCIFLTAALGLPEALIPVQLLWV
NLVTDGLPATALGFNPPDLDIMDRPPRSPKEPLISGWLFFRYMAIGGYVGAATVGAAAWWFMYAEDGPGVTYHQLTHFMQ
CTEDHPHFEGLDCEIFEAPEPMTMALSVLVTIEMCNALNSLSENQSLMRMPPWVNIWLLGSICLSMSLHFLILYVDPLPM
IFKLKALDLTQWLMVLKISLPVIGLDEILKFIARNYLEG
;
_entity_poly.pdbx_strand_id   A
#
loop_
_chem_comp.id
_chem_comp.type
_chem_comp.name
_chem_comp.formula
ACE non-polymer 'ACETYL GROUP' 'C2 H4 O'
ADP non-polymer ADENOSINE-5'-DIPHOSPHATE 'C10 H15 N5 O10 P2'
MG non-polymer 'MAGNESIUM ION' 'Mg 2'
NA non-polymer 'SODIUM ION' 'Na 1'
PTY non-polymer PHOSPHATIDYLETHANOLAMINE 'C40 H80 N O8 P'
TG1 non-polymer 'OCTANOIC ACID [3S-[3ALPHA, 3ABETA, 4ALPHA, 6BETA, 6ABETA, 7BETA, 8ALPHA(Z), 9BALPHA]]-6-(ACETYLOXY)-2,3,-3A,4,5,6,6A,7,8,9B-DECAHYDRO-3,3A-DIHYDROXY-3,6,9-TRIMETHYL-8-[(2-METHYL-1-OXO-2-BUTENYL)OX Y]-2-OXO-4-(1-OXOBUTOXY)-AZULENO[4,5-B]FURAN-7-YL ESTER' 'C34 H50 O12'
#
# COMPACT_ATOMS: atom_id res chain seq x y z
C ACE A 1 -24.22 25.63 -2.45
O ACE A 1 -24.94 25.49 -3.45
CH3 ACE A 1 -24.64 25.07 -1.13
N MET A 2 -23.06 26.26 -2.49
CA MET A 2 -22.51 26.85 -3.70
C MET A 2 -21.20 26.19 -4.09
N GLU A 3 -21.25 25.25 -5.03
CA GLU A 3 -20.06 24.55 -5.46
C GLU A 3 -19.06 25.49 -6.14
N ALA A 4 -19.56 26.50 -6.84
CA ALA A 4 -18.73 27.46 -7.58
C ALA A 4 -18.34 28.77 -6.85
N ALA A 5 -18.52 28.79 -5.53
CA ALA A 5 -18.22 29.97 -4.72
C ALA A 5 -16.92 30.73 -5.03
N HIS A 6 -15.81 30.01 -5.21
CA HIS A 6 -14.51 30.63 -5.48
C HIS A 6 -14.51 31.60 -6.65
N SER A 7 -15.34 31.30 -7.66
CA SER A 7 -15.44 32.16 -8.85
C SER A 7 -16.49 33.26 -8.65
N LYS A 8 -17.24 33.22 -7.55
CA LYS A 8 -18.24 34.24 -7.30
C LYS A 8 -17.66 35.40 -6.48
N SER A 9 -18.17 36.60 -6.72
CA SER A 9 -17.72 37.75 -5.96
C SER A 9 -18.27 37.51 -4.56
N THR A 10 -17.70 38.25 -3.62
CA THR A 10 -18.11 38.22 -2.22
C THR A 10 -19.60 38.60 -2.11
N GLU A 11 -20.00 39.57 -2.91
CA GLU A 11 -21.39 40.04 -2.90
C GLU A 11 -22.35 39.01 -3.48
N GLU A 12 -21.93 38.31 -4.55
CA GLU A 12 -22.81 37.31 -5.16
C GLU A 12 -23.10 36.14 -4.21
N CYS A 13 -22.16 35.82 -3.32
CA CYS A 13 -22.40 34.72 -2.39
C CYS A 13 -23.40 35.17 -1.33
N LEU A 14 -23.32 36.43 -0.93
CA LEU A 14 -24.24 36.94 0.07
C LEU A 14 -25.64 36.92 -0.56
N ALA A 15 -25.74 37.39 -1.79
CA ALA A 15 -27.01 37.41 -2.52
C ALA A 15 -27.55 36.01 -2.72
N TYR A 16 -26.69 35.09 -3.15
CA TYR A 16 -27.17 33.72 -3.36
C TYR A 16 -27.93 33.17 -2.15
N PHE A 17 -27.35 33.32 -0.97
CA PHE A 17 -27.98 32.79 0.22
C PHE A 17 -28.95 33.73 0.93
N GLY A 18 -29.01 34.98 0.49
CA GLY A 18 -29.90 35.95 1.13
C GLY A 18 -29.53 36.14 2.60
N VAL A 19 -28.26 36.40 2.85
CA VAL A 19 -27.82 36.57 4.22
C VAL A 19 -27.03 37.86 4.34
N SER A 20 -27.10 38.49 5.50
CA SER A 20 -26.36 39.73 5.73
C SER A 20 -25.04 39.41 6.39
N GLU A 21 -23.97 40.02 5.91
CA GLU A 21 -22.64 39.80 6.47
C GLU A 21 -22.46 40.32 7.91
N THR A 22 -23.28 41.28 8.31
CA THR A 22 -23.17 41.84 9.64
C THR A 22 -24.12 41.22 10.66
N THR A 23 -25.08 40.40 10.21
CA THR A 23 -25.98 39.78 11.19
C THR A 23 -26.02 38.27 11.08
N GLY A 24 -25.76 37.75 9.89
CA GLY A 24 -25.80 36.31 9.72
C GLY A 24 -27.21 35.82 9.43
N LEU A 25 -27.36 34.50 9.37
CA LEU A 25 -28.65 33.90 9.08
C LEU A 25 -29.66 34.08 10.20
N THR A 26 -30.94 34.10 9.84
CA THR A 26 -32.00 34.24 10.84
C THR A 26 -32.38 32.84 11.27
N PRO A 27 -33.02 32.69 12.43
CA PRO A 27 -33.38 31.33 12.85
C PRO A 27 -34.23 30.59 11.81
N ASP A 28 -35.05 31.32 11.05
CA ASP A 28 -35.86 30.65 10.05
C ASP A 28 -34.93 30.11 8.95
N GLN A 29 -33.95 30.90 8.56
CA GLN A 29 -32.99 30.49 7.54
C GLN A 29 -32.25 29.24 8.02
N VAL A 30 -31.70 29.29 9.24
CA VAL A 30 -31.00 28.15 9.82
C VAL A 30 -31.86 26.88 9.74
N LYS A 31 -33.15 27.01 10.02
CA LYS A 31 -34.06 25.87 9.99
C LYS A 31 -34.19 25.30 8.59
N ARG A 32 -34.57 26.15 7.65
CA ARG A 32 -34.73 25.75 6.27
C ARG A 32 -33.44 25.21 5.64
N HIS A 33 -32.31 25.86 5.92
CA HIS A 33 -31.02 25.46 5.36
C HIS A 33 -30.59 24.09 5.85
N LEU A 34 -30.78 23.84 7.14
CA LEU A 34 -30.43 22.58 7.77
C LEU A 34 -31.29 21.49 7.14
N GLU A 35 -32.55 21.85 6.88
CA GLU A 35 -33.53 20.97 6.30
C GLU A 35 -33.12 20.63 4.87
N LYS A 36 -32.68 21.63 4.12
CA LYS A 36 -32.26 21.46 2.74
C LYS A 36 -30.89 20.81 2.54
N TYR A 37 -29.93 21.17 3.37
CA TYR A 37 -28.56 20.65 3.23
C TYR A 37 -28.13 19.58 4.24
N GLY A 38 -28.93 19.35 5.28
CA GLY A 38 -28.56 18.38 6.29
C GLY A 38 -27.51 18.98 7.23
N HIS A 39 -27.03 18.16 8.17
CA HIS A 39 -26.01 18.57 9.11
C HIS A 39 -24.64 18.53 8.43
N ASN A 40 -23.68 19.29 8.98
CA ASN A 40 -22.33 19.37 8.42
C ASN A 40 -21.43 18.27 8.97
N GLU A 41 -21.64 17.07 8.44
CA GLU A 41 -20.88 15.90 8.88
C GLU A 41 -20.96 14.81 7.83
N LEU A 42 -19.97 13.92 7.84
CA LEU A 42 -19.90 12.79 6.92
C LEU A 42 -20.76 11.72 7.59
N PRO A 43 -21.47 10.90 6.80
CA PRO A 43 -22.30 9.86 7.41
C PRO A 43 -21.50 8.91 8.28
N ALA A 44 -22.16 8.34 9.29
CA ALA A 44 -21.50 7.41 10.21
C ALA A 44 -21.45 6.03 9.57
N GLU A 45 -20.40 5.28 9.87
CA GLU A 45 -20.21 3.93 9.32
C GLU A 45 -21.29 2.94 9.78
N GLU A 46 -21.49 1.90 8.98
CA GLU A 46 -22.48 0.86 9.27
C GLU A 46 -22.39 0.28 10.67
N GLY A 47 -23.55 0.04 11.27
CA GLY A 47 -23.58 -0.50 12.62
C GLY A 47 -23.38 -2.01 12.66
N LYS A 48 -22.21 -2.47 12.26
CA LYS A 48 -21.91 -3.90 12.28
C LYS A 48 -21.80 -4.36 13.73
N SER A 49 -22.82 -5.07 14.20
CA SER A 49 -22.84 -5.56 15.58
C SER A 49 -22.07 -6.85 15.78
N LEU A 50 -21.80 -7.18 17.03
CA LEU A 50 -21.07 -8.39 17.40
C LEU A 50 -21.78 -9.64 16.89
N TRP A 51 -23.09 -9.71 17.10
CA TRP A 51 -23.89 -10.84 16.65
C TRP A 51 -23.72 -11.01 15.15
N GLU A 52 -23.79 -9.89 14.42
CA GLU A 52 -23.64 -9.89 12.97
C GLU A 52 -22.22 -10.32 12.62
N LEU A 53 -21.27 -9.83 13.39
CA LEU A 53 -19.87 -10.17 13.18
C LEU A 53 -19.68 -11.66 13.38
N VAL A 54 -20.17 -12.17 14.51
CA VAL A 54 -20.06 -13.59 14.84
C VAL A 54 -20.67 -14.47 13.75
N ILE A 55 -21.87 -14.11 13.29
CA ILE A 55 -22.54 -14.88 12.26
C ILE A 55 -21.74 -14.92 10.96
N GLU A 56 -21.06 -13.84 10.65
CA GLU A 56 -20.24 -13.73 9.44
C GLU A 56 -19.09 -14.72 9.42
N GLN A 57 -18.68 -15.16 10.61
CA GLN A 57 -17.59 -16.10 10.72
C GLN A 57 -18.12 -17.49 10.40
N PHE A 58 -19.26 -17.53 9.72
CA PHE A 58 -19.91 -18.78 9.33
C PHE A 58 -20.51 -18.64 7.93
N GLU A 59 -19.94 -17.76 7.14
CA GLU A 59 -20.40 -17.51 5.78
C GLU A 59 -19.68 -18.46 4.82
N ASP A 60 -18.45 -18.80 5.16
CA ASP A 60 -17.61 -19.69 4.36
C ASP A 60 -18.25 -21.06 4.16
N LEU A 61 -18.21 -21.55 2.93
CA LEU A 61 -18.78 -22.85 2.62
C LEU A 61 -18.15 -23.95 3.47
N LEU A 62 -16.83 -23.95 3.55
CA LEU A 62 -16.11 -24.96 4.32
C LEU A 62 -16.44 -24.92 5.80
N VAL A 63 -16.61 -23.73 6.38
CA VAL A 63 -16.95 -23.69 7.79
C VAL A 63 -18.36 -24.24 7.99
N ARG A 64 -19.21 -24.11 6.98
CA ARG A 64 -20.59 -24.62 7.04
C ARG A 64 -20.59 -26.14 7.02
N ILE A 65 -19.77 -26.71 6.15
CA ILE A 65 -19.67 -28.16 6.05
C ILE A 65 -19.26 -28.70 7.42
N LEU A 66 -18.22 -28.13 8.00
CA LEU A 66 -17.73 -28.55 9.31
C LEU A 66 -18.81 -28.37 10.36
N LEU A 67 -19.57 -27.30 10.25
CA LEU A 67 -20.65 -27.04 11.19
C LEU A 67 -21.63 -28.20 11.08
N LEU A 68 -22.03 -28.53 9.86
CA LEU A 68 -22.94 -29.63 9.63
C LEU A 68 -22.40 -30.92 10.24
N ALA A 69 -21.14 -31.24 9.95
CA ALA A 69 -20.52 -32.45 10.47
C ALA A 69 -20.47 -32.44 12.00
N ALA A 70 -20.40 -31.26 12.59
CA ALA A 70 -20.38 -31.14 14.05
C ALA A 70 -21.74 -31.59 14.56
N CYS A 71 -22.80 -31.19 13.85
CA CYS A 71 -24.16 -31.57 14.22
C CYS A 71 -24.30 -33.08 14.15
N ILE A 72 -23.90 -33.68 13.02
CA ILE A 72 -24.02 -35.13 12.89
C ILE A 72 -23.21 -35.80 14.00
N SER A 73 -21.96 -35.38 14.17
CA SER A 73 -21.11 -35.92 15.21
C SER A 73 -21.78 -35.78 16.58
N PHE A 74 -22.48 -34.66 16.77
CA PHE A 74 -23.17 -34.40 18.03
C PHE A 74 -24.36 -35.32 18.20
N VAL A 75 -25.00 -35.69 17.09
CA VAL A 75 -26.14 -36.57 17.13
C VAL A 75 -25.71 -38.01 17.39
N LEU A 76 -24.65 -38.46 16.74
CA LEU A 76 -24.15 -39.81 16.92
C LEU A 76 -23.67 -40.05 18.34
N ALA A 77 -22.94 -39.09 18.90
CA ALA A 77 -22.43 -39.20 20.26
C ALA A 77 -23.59 -39.03 21.23
N TRP A 78 -24.79 -39.39 20.77
CA TRP A 78 -26.00 -39.27 21.56
C TRP A 78 -26.90 -40.48 21.36
N PHE A 79 -27.22 -40.77 20.10
CA PHE A 79 -28.09 -41.88 19.77
C PHE A 79 -27.24 -43.15 19.63
N GLU A 80 -26.41 -43.41 20.62
CA GLU A 80 -25.55 -44.59 20.59
C GLU A 80 -25.79 -45.48 21.82
N GLU A 81 -25.42 -46.75 21.69
CA GLU A 81 -25.59 -47.73 22.77
C GLU A 81 -24.29 -47.97 23.54
N GLY A 82 -24.38 -48.02 24.87
CA GLY A 82 -23.20 -48.26 25.69
C GLY A 82 -22.87 -47.05 26.57
N GLU A 83 -22.06 -47.26 27.60
CA GLU A 83 -21.69 -46.17 28.50
C GLU A 83 -20.30 -45.61 28.24
N GLU A 84 -19.77 -45.82 27.03
CA GLU A 84 -18.46 -45.29 26.68
C GLU A 84 -18.60 -43.81 26.34
N THR A 85 -19.27 -43.06 27.22
CA THR A 85 -19.49 -41.63 27.02
C THR A 85 -18.24 -40.79 27.29
N ILE A 86 -17.24 -41.41 27.92
CA ILE A 86 -16.00 -40.72 28.24
C ILE A 86 -15.29 -40.19 26.98
N THR A 87 -15.48 -40.86 25.85
CA THR A 87 -14.86 -40.45 24.59
C THR A 87 -15.91 -40.27 23.50
N ALA A 88 -17.14 -40.01 23.92
CA ALA A 88 -18.23 -39.83 22.98
C ALA A 88 -18.30 -38.42 22.42
N PHE A 89 -18.51 -37.45 23.32
CA PHE A 89 -18.61 -36.05 22.92
C PHE A 89 -17.30 -35.33 22.67
N VAL A 90 -16.19 -36.08 22.63
CA VAL A 90 -14.89 -35.49 22.37
C VAL A 90 -14.88 -34.98 20.93
N GLU A 91 -15.18 -35.89 20.01
CA GLU A 91 -15.22 -35.57 18.59
C GLU A 91 -16.02 -34.30 18.30
N PRO A 92 -17.32 -34.28 18.66
CA PRO A 92 -18.12 -33.08 18.39
C PRO A 92 -17.59 -31.82 19.04
N PHE A 93 -17.14 -31.92 20.28
CA PHE A 93 -16.64 -30.74 20.97
C PHE A 93 -15.38 -30.22 20.29
N VAL A 94 -14.57 -31.12 19.75
CA VAL A 94 -13.34 -30.73 19.08
C VAL A 94 -13.68 -29.87 17.86
N ILE A 95 -14.54 -30.40 17.00
CA ILE A 95 -14.93 -29.67 15.80
C ILE A 95 -15.46 -28.31 16.20
N LEU A 96 -16.48 -28.31 17.05
CA LEU A 96 -17.10 -27.07 17.52
C LEU A 96 -16.05 -26.10 18.08
N LEU A 97 -15.14 -26.63 18.89
CA LEU A 97 -14.08 -25.83 19.50
C LEU A 97 -13.23 -25.11 18.45
N ILE A 98 -12.98 -25.76 17.33
CA ILE A 98 -12.19 -25.16 16.27
C ILE A 98 -13.00 -24.02 15.67
N LEU A 99 -14.25 -24.30 15.33
CA LEU A 99 -15.12 -23.28 14.76
C LEU A 99 -15.26 -22.10 15.73
N ILE A 100 -15.29 -22.41 17.02
CA ILE A 100 -15.42 -21.36 18.03
C ILE A 100 -14.19 -20.48 18.05
N ALA A 101 -13.03 -21.10 18.24
CA ALA A 101 -11.77 -20.36 18.25
C ALA A 101 -11.67 -19.61 16.93
N ASN A 102 -12.13 -20.25 15.87
CA ASN A 102 -12.12 -19.68 14.53
C ASN A 102 -12.87 -18.36 14.49
N ALA A 103 -14.12 -18.38 14.98
CA ALA A 103 -14.93 -17.19 15.01
C ALA A 103 -14.32 -16.14 15.92
N ILE A 104 -13.76 -16.58 17.03
CA ILE A 104 -13.13 -15.66 17.97
C ILE A 104 -12.09 -14.80 17.23
N VAL A 105 -11.16 -15.47 16.57
CA VAL A 105 -10.11 -14.76 15.83
C VAL A 105 -10.73 -13.74 14.88
N GLY A 106 -11.60 -14.21 14.00
CA GLY A 106 -12.23 -13.33 13.04
C GLY A 106 -12.74 -12.07 13.69
N VAL A 107 -13.49 -12.23 14.78
CA VAL A 107 -14.04 -11.08 15.50
C VAL A 107 -12.93 -10.19 16.05
N TRP A 108 -11.90 -10.81 16.63
CA TRP A 108 -10.79 -10.05 17.19
C TRP A 108 -10.17 -9.10 16.17
N GLN A 109 -10.15 -9.50 14.91
CA GLN A 109 -9.58 -8.66 13.86
C GLN A 109 -10.46 -7.45 13.57
N GLU A 110 -11.74 -7.69 13.30
CA GLU A 110 -12.68 -6.62 13.01
C GLU A 110 -12.69 -5.56 14.11
N ARG A 111 -12.43 -5.95 15.35
CA ARG A 111 -12.41 -5.00 16.45
C ARG A 111 -11.18 -4.10 16.38
N ASN A 112 -10.10 -4.58 15.78
CA ASN A 112 -8.87 -3.79 15.68
C ASN A 112 -8.52 -3.27 14.28
N ALA A 113 -9.47 -3.38 13.36
CA ALA A 113 -9.25 -2.91 12.00
C ALA A 113 -9.95 -1.58 11.75
N GLU A 114 -9.17 -0.52 11.56
CA GLU A 114 -9.74 0.80 11.29
C GLU A 114 -9.78 1.03 9.79
N ASN A 115 -10.77 1.80 9.33
CA ASN A 115 -10.85 2.08 7.89
C ASN A 115 -10.54 3.55 7.65
N ALA A 116 -10.04 3.84 6.44
CA ALA A 116 -9.67 5.21 6.08
C ALA A 116 -10.80 6.22 6.19
N ILE A 117 -12.02 5.82 5.81
CA ILE A 117 -13.14 6.73 5.87
C ILE A 117 -13.36 7.27 7.29
N GLU A 118 -13.41 6.38 8.27
CA GLU A 118 -13.61 6.83 9.64
C GLU A 118 -12.39 7.62 10.15
N ALA A 119 -11.33 7.64 9.36
CA ALA A 119 -10.11 8.36 9.73
C ALA A 119 -10.20 9.82 9.28
N LEU A 120 -11.15 10.09 8.38
CA LEU A 120 -11.36 11.45 7.88
C LEU A 120 -12.07 12.27 8.96
N LYS A 121 -12.85 11.59 9.79
CA LYS A 121 -13.59 12.26 10.84
C LYS A 121 -12.68 12.82 11.93
N GLU A 122 -11.38 12.78 11.67
CA GLU A 122 -10.42 13.30 12.62
C GLU A 122 -10.15 14.75 12.24
N TYR A 123 -10.45 15.07 10.99
CA TYR A 123 -10.25 16.42 10.48
C TYR A 123 -11.43 17.36 10.67
N GLU A 124 -12.55 16.85 11.18
CA GLU A 124 -13.68 17.74 11.41
C GLU A 124 -13.74 18.17 12.86
N PRO A 125 -13.63 19.48 13.12
CA PRO A 125 -13.67 19.96 14.51
C PRO A 125 -15.03 19.74 15.16
N GLU A 126 -15.04 19.78 16.49
CA GLU A 126 -16.30 19.60 17.20
C GLU A 126 -17.09 20.88 17.18
N MET A 127 -16.38 22.01 17.22
CA MET A 127 -17.02 23.32 17.25
C MET A 127 -16.60 24.26 16.14
N GLY A 128 -17.43 25.28 15.93
CA GLY A 128 -17.17 26.30 14.93
C GLY A 128 -17.76 27.59 15.47
N LYS A 129 -17.40 28.72 14.86
CA LYS A 129 -17.90 30.02 15.30
C LYS A 129 -18.66 30.75 14.21
N VAL A 130 -19.88 31.19 14.53
CA VAL A 130 -20.71 31.90 13.56
C VAL A 130 -21.42 33.14 14.13
N TYR A 131 -21.94 33.94 13.22
CA TYR A 131 -22.69 35.13 13.56
C TYR A 131 -24.08 34.85 13.01
N ARG A 132 -25.07 34.86 13.89
CA ARG A 132 -26.45 34.65 13.50
C ARG A 132 -27.28 35.82 14.04
N ALA A 133 -28.27 36.23 13.25
CA ALA A 133 -29.13 37.36 13.57
C ALA A 133 -29.67 37.46 15.00
N ASP A 134 -29.86 36.33 15.67
CA ASP A 134 -30.39 36.33 17.03
C ASP A 134 -29.34 36.59 18.11
N ARG A 135 -28.29 37.34 17.77
CA ARG A 135 -27.22 37.67 18.72
C ARG A 135 -26.14 38.57 18.11
N LYS A 136 -25.74 39.57 18.88
CA LYS A 136 -24.74 40.52 18.45
C LYS A 136 -23.36 39.89 18.37
N SER A 137 -22.88 39.37 19.50
CA SER A 137 -21.57 38.76 19.56
C SER A 137 -21.57 37.40 18.87
N VAL A 138 -20.38 36.91 18.54
CA VAL A 138 -20.23 35.62 17.87
C VAL A 138 -20.51 34.50 18.86
N GLN A 139 -21.13 33.44 18.37
CA GLN A 139 -21.46 32.30 19.21
C GLN A 139 -20.86 31.03 18.63
N ARG A 140 -20.21 30.25 19.48
CA ARG A 140 -19.62 29.02 19.02
C ARG A 140 -20.60 27.88 19.22
N ILE A 141 -20.77 27.09 18.17
CA ILE A 141 -21.69 25.98 18.22
C ILE A 141 -21.01 24.74 17.66
N LYS A 142 -21.72 23.62 17.74
CA LYS A 142 -21.20 22.38 17.21
C LYS A 142 -21.09 22.54 15.70
N ALA A 143 -19.95 22.10 15.16
CA ALA A 143 -19.69 22.20 13.73
C ALA A 143 -20.72 21.51 12.86
N ARG A 144 -21.31 20.43 13.37
CA ARG A 144 -22.32 19.71 12.61
C ARG A 144 -23.60 20.53 12.45
N ASP A 145 -23.72 21.59 13.26
CA ASP A 145 -24.89 22.46 13.18
C ASP A 145 -24.66 23.62 12.26
N ILE A 146 -23.47 23.69 11.67
CA ILE A 146 -23.20 24.77 10.74
C ILE A 146 -23.85 24.39 9.40
N VAL A 147 -24.20 25.39 8.61
CA VAL A 147 -24.89 25.13 7.35
C VAL A 147 -24.44 26.10 6.28
N PRO A 148 -24.75 25.78 5.01
CA PRO A 148 -24.38 26.67 3.91
C PRO A 148 -25.09 28.00 4.21
N GLY A 149 -24.46 29.13 3.90
CA GLY A 149 -25.04 30.42 4.20
C GLY A 149 -24.52 31.05 5.50
N ASP A 150 -24.18 30.23 6.49
CA ASP A 150 -23.66 30.76 7.77
C ASP A 150 -22.45 31.68 7.64
N ILE A 151 -22.48 32.81 8.34
CA ILE A 151 -21.32 33.70 8.35
C ILE A 151 -20.45 33.10 9.45
N VAL A 152 -19.23 32.68 9.10
CA VAL A 152 -18.30 32.07 10.07
C VAL A 152 -17.04 32.89 10.29
N GLU A 153 -16.44 32.68 11.46
CA GLU A 153 -15.23 33.38 11.86
C GLU A 153 -14.18 32.33 12.18
N VAL A 154 -12.96 32.53 11.69
CA VAL A 154 -11.88 31.60 12.02
C VAL A 154 -10.65 32.42 12.42
N ALA A 155 -9.84 31.85 13.31
CA ALA A 155 -8.65 32.53 13.76
C ALA A 155 -7.53 31.52 13.88
N VAL A 156 -6.30 32.01 13.88
CA VAL A 156 -5.13 31.18 14.01
C VAL A 156 -5.39 30.05 14.99
N GLY A 157 -4.93 28.84 14.65
CA GLY A 157 -5.12 27.69 15.51
C GLY A 157 -6.43 26.96 15.30
N ASP A 158 -7.35 27.58 14.57
CA ASP A 158 -8.63 26.92 14.32
C ASP A 158 -8.54 25.91 13.19
N LYS A 159 -9.32 24.84 13.33
CA LYS A 159 -9.42 23.83 12.29
C LYS A 159 -10.69 24.26 11.54
N VAL A 160 -10.55 24.60 10.25
CA VAL A 160 -11.70 25.03 9.43
C VAL A 160 -12.83 24.01 9.50
N PRO A 161 -14.06 24.47 9.82
CA PRO A 161 -15.26 23.64 9.96
C PRO A 161 -16.06 23.24 8.70
N ALA A 162 -15.94 23.99 7.62
CA ALA A 162 -16.67 23.66 6.38
C ALA A 162 -15.94 24.35 5.26
N ASP A 163 -16.38 24.14 4.03
CA ASP A 163 -15.73 24.83 2.93
C ASP A 163 -16.30 26.26 2.95
N ILE A 164 -15.42 27.23 3.16
CA ILE A 164 -15.81 28.63 3.28
C ILE A 164 -15.22 29.55 2.25
N ARG A 165 -16.05 30.50 1.83
CA ARG A 165 -15.69 31.54 0.87
C ARG A 165 -15.33 32.69 1.82
N ILE A 166 -14.06 33.11 1.80
CA ILE A 166 -13.60 34.18 2.67
C ILE A 166 -14.23 35.50 2.25
N LEU A 167 -14.94 36.13 3.17
CA LEU A 167 -15.59 37.41 2.88
C LEU A 167 -14.69 38.59 3.24
N SER A 168 -14.13 38.55 4.45
CA SER A 168 -13.29 39.64 4.94
C SER A 168 -12.14 39.16 5.83
N ILE A 169 -10.94 39.62 5.51
CA ILE A 169 -9.75 39.27 6.30
C ILE A 169 -9.47 40.39 7.29
N LYS A 170 -9.69 40.09 8.57
CA LYS A 170 -9.48 41.06 9.64
C LYS A 170 -8.01 41.37 9.88
N SER A 171 -7.21 40.31 10.03
CA SER A 171 -5.79 40.46 10.26
C SER A 171 -5.10 41.06 9.03
N THR A 172 -3.80 41.31 9.15
CA THR A 172 -3.02 41.89 8.05
C THR A 172 -2.95 40.93 6.86
N THR A 173 -2.86 39.64 7.17
CA THR A 173 -2.83 38.61 6.15
C THR A 173 -3.41 37.36 6.80
N LEU A 174 -3.89 36.43 5.98
CA LEU A 174 -4.43 35.18 6.50
C LEU A 174 -3.60 34.04 5.90
N ARG A 175 -3.16 33.12 6.76
CA ARG A 175 -2.35 31.99 6.31
C ARG A 175 -2.97 30.70 6.75
N VAL A 176 -2.96 29.75 5.83
CA VAL A 176 -3.58 28.47 6.06
C VAL A 176 -2.66 27.30 5.79
N ASP A 177 -2.76 26.28 6.63
CA ASP A 177 -2.02 25.07 6.43
C ASP A 177 -2.97 24.11 5.72
N GLN A 178 -2.78 23.94 4.42
CA GLN A 178 -3.62 23.06 3.61
C GLN A 178 -2.92 21.74 3.25
N SER A 179 -1.81 21.46 3.92
CA SER A 179 -1.03 20.25 3.65
C SER A 179 -1.86 19.00 3.34
N ILE A 180 -2.76 18.62 4.24
CA ILE A 180 -3.58 17.42 4.06
C ILE A 180 -4.39 17.35 2.76
N LEU A 181 -4.66 18.48 2.12
CA LEU A 181 -5.46 18.48 0.89
C LEU A 181 -4.77 18.84 -0.40
N THR A 182 -3.72 19.65 -0.32
CA THR A 182 -3.01 20.07 -1.53
C THR A 182 -1.53 19.68 -1.54
N GLY A 183 -1.05 19.06 -0.46
CA GLY A 183 0.36 18.69 -0.41
C GLY A 183 1.25 19.86 0.00
N GLU A 184 0.85 21.09 -0.37
CA GLU A 184 1.61 22.30 -0.02
C GLU A 184 1.89 22.30 1.49
N SER A 185 3.08 21.86 1.88
CA SER A 185 3.41 21.84 3.31
C SER A 185 3.53 23.23 3.93
N VAL A 186 3.94 24.20 3.11
CA VAL A 186 4.08 25.57 3.58
C VAL A 186 2.72 26.26 3.60
N SER A 187 2.42 26.96 4.68
CA SER A 187 1.13 27.67 4.78
C SER A 187 0.96 28.64 3.60
N VAL A 188 -0.26 28.79 3.11
CA VAL A 188 -0.49 29.68 1.97
C VAL A 188 -1.37 30.88 2.32
N ILE A 189 -1.09 31.99 1.65
CA ILE A 189 -1.84 33.23 1.84
C ILE A 189 -3.15 33.15 1.08
N LYS A 190 -4.22 33.66 1.69
CA LYS A 190 -5.53 33.66 1.07
C LYS A 190 -5.92 35.10 0.80
N HIS A 191 -6.79 35.29 -0.18
CA HIS A 191 -7.28 36.63 -0.54
C HIS A 191 -8.80 36.58 -0.64
N THR A 192 -9.44 37.68 -1.01
CA THR A 192 -10.89 37.69 -1.09
C THR A 192 -11.46 37.89 -2.49
N GLU A 193 -10.62 38.25 -3.45
CA GLU A 193 -11.07 38.46 -4.82
C GLU A 193 -11.55 37.16 -5.45
N PRO A 194 -12.41 37.24 -6.47
CA PRO A 194 -12.85 35.98 -7.06
C PRO A 194 -11.80 35.35 -7.98
N VAL A 195 -11.81 34.03 -8.05
CA VAL A 195 -10.92 33.30 -8.93
C VAL A 195 -11.83 32.93 -10.13
N PRO A 196 -11.65 33.61 -11.26
CA PRO A 196 -12.41 33.45 -12.51
C PRO A 196 -12.73 32.05 -13.06
N ASP A 197 -11.74 31.17 -13.13
CA ASP A 197 -11.96 29.83 -13.65
C ASP A 197 -12.89 28.98 -12.78
N PRO A 198 -14.04 28.55 -13.33
CA PRO A 198 -15.00 27.72 -12.58
C PRO A 198 -14.47 26.31 -12.31
N ARG A 199 -13.46 25.90 -13.06
CA ARG A 199 -12.89 24.56 -12.90
C ARG A 199 -11.50 24.59 -12.28
N ALA A 200 -11.21 25.64 -11.52
CA ALA A 200 -9.91 25.77 -10.87
C ALA A 200 -9.71 24.66 -9.83
N VAL A 201 -8.52 24.09 -9.77
CA VAL A 201 -8.28 23.05 -8.77
C VAL A 201 -8.11 23.73 -7.43
N ASN A 202 -8.25 22.97 -6.36
CA ASN A 202 -8.15 23.52 -5.04
C ASN A 202 -6.96 24.42 -4.79
N GLN A 203 -5.78 24.01 -5.23
CA GLN A 203 -4.58 24.79 -5.01
C GLN A 203 -4.73 26.23 -5.47
N ASP A 204 -5.56 26.45 -6.48
CA ASP A 204 -5.74 27.79 -7.00
C ASP A 204 -6.94 28.59 -6.43
N LYS A 205 -7.74 27.98 -5.55
CA LYS A 205 -8.89 28.69 -4.93
C LYS A 205 -8.33 29.47 -3.72
N LYS A 206 -7.63 30.56 -4.03
CA LYS A 206 -7.02 31.35 -3.00
C LYS A 206 -7.98 32.15 -2.14
N ASN A 207 -9.29 32.04 -2.44
CA ASN A 207 -10.27 32.73 -1.64
C ASN A 207 -11.16 31.74 -0.92
N MET A 208 -10.67 30.51 -0.79
CA MET A 208 -11.43 29.47 -0.12
C MET A 208 -10.71 28.87 1.10
N LEU A 209 -11.48 28.45 2.10
CA LEU A 209 -10.90 27.77 3.25
C LEU A 209 -11.52 26.40 3.18
N PHE A 210 -10.69 25.35 3.22
CA PHE A 210 -11.22 24.00 3.15
C PHE A 210 -11.43 23.38 4.51
N SER A 211 -12.60 22.77 4.67
CA SER A 211 -12.93 22.10 5.90
C SER A 211 -11.83 21.06 6.17
N GLY A 212 -11.37 20.98 7.43
CA GLY A 212 -10.33 20.04 7.81
C GLY A 212 -8.94 20.67 7.79
N THR A 213 -8.89 21.88 7.26
CA THR A 213 -7.65 22.64 7.15
C THR A 213 -7.42 23.50 8.41
N ASN A 214 -6.25 24.12 8.54
CA ASN A 214 -5.93 24.93 9.73
C ASN A 214 -5.42 26.32 9.44
N ILE A 215 -5.84 27.27 10.28
CA ILE A 215 -5.39 28.64 10.12
C ILE A 215 -4.00 28.72 10.74
N ALA A 216 -3.01 29.09 9.93
CA ALA A 216 -1.65 29.18 10.40
C ALA A 216 -1.46 30.54 11.05
N ALA A 217 -2.05 31.55 10.44
CA ALA A 217 -1.96 32.92 10.93
C ALA A 217 -3.11 33.77 10.39
N GLY A 218 -3.54 34.72 11.21
CA GLY A 218 -4.60 35.61 10.82
C GLY A 218 -5.93 35.33 11.47
N LYS A 219 -6.91 36.11 11.05
CA LYS A 219 -8.30 36.02 11.50
C LYS A 219 -9.16 36.44 10.30
N ALA A 220 -10.24 35.72 10.02
CA ALA A 220 -11.07 36.08 8.86
C ALA A 220 -12.53 35.74 9.02
N LEU A 221 -13.34 36.43 8.24
CA LEU A 221 -14.78 36.22 8.25
C LEU A 221 -15.15 35.65 6.89
N GLY A 222 -16.06 34.67 6.89
CA GLY A 222 -16.47 34.10 5.63
C GLY A 222 -17.88 33.52 5.65
N ILE A 223 -18.34 33.10 4.46
CA ILE A 223 -19.65 32.48 4.33
C ILE A 223 -19.49 31.01 3.88
N VAL A 224 -20.20 30.11 4.56
CA VAL A 224 -20.15 28.70 4.27
C VAL A 224 -20.77 28.41 2.90
N ALA A 225 -19.93 27.87 2.01
CA ALA A 225 -20.32 27.53 0.65
C ALA A 225 -20.87 26.12 0.62
N THR A 226 -20.22 25.19 1.34
CA THR A 226 -20.67 23.79 1.40
C THR A 226 -20.35 23.13 2.71
N THR A 227 -21.07 22.06 3.02
CA THR A 227 -20.87 21.31 4.26
C THR A 227 -21.07 19.84 3.96
N GLY A 228 -20.92 19.00 4.98
CA GLY A 228 -21.13 17.58 4.78
C GLY A 228 -20.33 16.87 3.69
N VAL A 229 -21.01 16.03 2.88
CA VAL A 229 -20.28 15.31 1.85
C VAL A 229 -19.99 16.14 0.62
N SER A 230 -20.54 17.35 0.58
CA SER A 230 -20.34 18.26 -0.54
C SER A 230 -19.02 19.05 -0.51
N THR A 231 -18.27 18.95 0.60
CA THR A 231 -17.01 19.69 0.71
C THR A 231 -15.90 18.97 -0.03
N GLU A 232 -14.72 19.57 -0.11
CA GLU A 232 -13.65 18.90 -0.81
C GLU A 232 -13.33 17.57 -0.14
N ILE A 233 -13.25 17.57 1.18
CA ILE A 233 -12.97 16.36 1.91
C ILE A 233 -14.15 15.39 1.91
N GLY A 234 -15.36 15.91 1.90
CA GLY A 234 -16.49 15.00 1.88
C GLY A 234 -16.60 14.29 0.54
N LYS A 235 -16.18 14.96 -0.53
CA LYS A 235 -16.21 14.36 -1.86
C LYS A 235 -15.14 13.26 -1.92
N ILE A 236 -14.07 13.44 -1.15
CA ILE A 236 -13.00 12.47 -1.10
C ILE A 236 -13.54 11.25 -0.37
N ARG A 237 -14.36 11.51 0.65
CA ARG A 237 -14.98 10.45 1.45
C ARG A 237 -15.95 9.65 0.63
N ASP A 238 -16.63 10.30 -0.33
CA ASP A 238 -17.59 9.61 -1.18
C ASP A 238 -16.92 8.77 -2.27
N GLN A 239 -15.79 9.26 -2.79
CA GLN A 239 -15.07 8.50 -3.80
C GLN A 239 -14.61 7.21 -3.13
N MET A 240 -14.03 7.35 -1.94
CA MET A 240 -13.54 6.22 -1.17
C MET A 240 -14.64 5.19 -0.86
N ALA A 241 -15.81 5.66 -0.44
CA ALA A 241 -16.91 4.78 -0.10
C ALA A 241 -17.42 4.05 -1.33
N ALA A 242 -17.31 4.68 -2.50
CA ALA A 242 -17.76 4.08 -3.74
C ALA A 242 -16.68 3.19 -4.37
N THR A 243 -15.54 3.03 -3.70
CA THR A 243 -14.47 2.21 -4.23
C THR A 243 -14.52 0.81 -3.62
N GLU A 244 -14.67 -0.20 -4.47
CA GLU A 244 -14.71 -1.57 -4.02
C GLU A 244 -13.38 -2.25 -4.33
N GLN A 245 -12.75 -2.87 -3.34
CA GLN A 245 -11.49 -3.54 -3.57
C GLN A 245 -11.72 -5.04 -3.60
N ASP A 246 -11.30 -5.68 -4.68
CA ASP A 246 -11.47 -7.11 -4.84
C ASP A 246 -10.59 -7.92 -3.91
N LYS A 247 -10.88 -9.22 -3.85
CA LYS A 247 -10.10 -10.12 -3.01
C LYS A 247 -8.79 -10.42 -3.75
N THR A 248 -7.75 -10.76 -2.98
CA THR A 248 -6.46 -11.07 -3.60
C THR A 248 -6.58 -12.36 -4.40
N PRO A 249 -5.65 -12.57 -5.36
CA PRO A 249 -5.65 -13.77 -6.20
C PRO A 249 -5.75 -15.06 -5.38
N LEU A 250 -5.05 -15.12 -4.27
CA LEU A 250 -5.08 -16.31 -3.43
C LEU A 250 -6.44 -16.52 -2.77
N GLN A 251 -7.09 -15.43 -2.37
CA GLN A 251 -8.40 -15.53 -1.74
C GLN A 251 -9.41 -16.01 -2.78
N GLN A 252 -9.23 -15.56 -4.01
CA GLN A 252 -10.14 -15.98 -5.06
C GLN A 252 -9.98 -17.46 -5.34
N LYS A 253 -8.74 -17.93 -5.46
CA LYS A 253 -8.47 -19.36 -5.70
C LYS A 253 -8.97 -20.19 -4.51
N LEU A 254 -8.67 -19.71 -3.31
CA LEU A 254 -9.07 -20.37 -2.08
C LEU A 254 -10.58 -20.52 -2.00
N ASP A 255 -11.31 -19.51 -2.46
CA ASP A 255 -12.77 -19.58 -2.44
C ASP A 255 -13.33 -20.52 -3.52
N GLU A 256 -12.67 -20.59 -4.68
CA GLU A 256 -13.16 -21.47 -5.73
C GLU A 256 -12.88 -22.93 -5.33
N PHE A 257 -11.82 -23.10 -4.53
CA PHE A 257 -11.42 -24.41 -4.06
C PHE A 257 -12.52 -24.95 -3.15
N GLY A 258 -13.05 -24.07 -2.31
CA GLY A 258 -14.11 -24.47 -1.40
C GLY A 258 -15.39 -24.83 -2.13
N GLU A 259 -15.76 -24.03 -3.12
CA GLU A 259 -16.97 -24.29 -3.89
C GLU A 259 -16.86 -25.66 -4.54
N GLN A 260 -15.67 -25.95 -5.08
CA GLN A 260 -15.41 -27.22 -5.73
C GLN A 260 -15.27 -28.36 -4.73
N LEU A 261 -14.65 -28.09 -3.58
CA LEU A 261 -14.47 -29.11 -2.56
C LEU A 261 -15.85 -29.55 -2.09
N SER A 262 -16.73 -28.56 -1.91
CA SER A 262 -18.10 -28.79 -1.49
C SER A 262 -18.84 -29.63 -2.52
N LYS A 263 -18.58 -29.38 -3.80
CA LYS A 263 -19.24 -30.12 -4.85
C LYS A 263 -18.72 -31.55 -4.92
N VAL A 264 -17.45 -31.75 -4.56
CA VAL A 264 -16.85 -33.09 -4.59
C VAL A 264 -17.35 -33.97 -3.45
N ILE A 265 -17.42 -33.38 -2.26
CA ILE A 265 -17.85 -34.12 -1.08
C ILE A 265 -19.23 -34.71 -1.32
N SER A 266 -20.14 -33.92 -1.88
CA SER A 266 -21.49 -34.42 -2.15
C SER A 266 -21.43 -35.52 -3.20
N LEU A 267 -20.58 -35.36 -4.21
CA LEU A 267 -20.44 -36.36 -5.25
C LEU A 267 -19.83 -37.66 -4.72
N ILE A 268 -18.95 -37.57 -3.73
CA ILE A 268 -18.35 -38.77 -3.17
C ILE A 268 -19.39 -39.46 -2.29
N CYS A 269 -20.33 -38.68 -1.76
CA CYS A 269 -21.39 -39.24 -0.94
C CYS A 269 -22.35 -40.00 -1.86
N VAL A 270 -22.64 -39.41 -3.00
CA VAL A 270 -23.52 -40.05 -3.97
C VAL A 270 -22.87 -41.34 -4.43
N ALA A 271 -21.56 -41.28 -4.68
CA ALA A 271 -20.84 -42.47 -5.14
C ALA A 271 -20.89 -43.58 -4.09
N VAL A 272 -20.51 -43.26 -2.86
CA VAL A 272 -20.53 -44.25 -1.79
C VAL A 272 -21.91 -44.89 -1.72
N TRP A 273 -22.93 -44.13 -2.09
CA TRP A 273 -24.30 -44.64 -2.07
C TRP A 273 -24.55 -45.55 -3.26
N LEU A 274 -24.13 -45.10 -4.44
CA LEU A 274 -24.31 -45.87 -5.67
C LEU A 274 -23.58 -47.21 -5.59
N ILE A 275 -22.38 -47.20 -5.01
CA ILE A 275 -21.58 -48.41 -4.89
C ILE A 275 -22.22 -49.42 -3.94
N ASN A 276 -23.17 -48.96 -3.12
CA ASN A 276 -23.85 -49.86 -2.18
C ASN A 276 -25.35 -49.97 -2.46
N ILE A 277 -25.75 -49.76 -3.72
CA ILE A 277 -27.15 -49.85 -4.12
C ILE A 277 -27.64 -51.29 -4.09
N GLY A 278 -26.70 -52.21 -3.94
CA GLY A 278 -27.03 -53.62 -3.88
C GLY A 278 -27.72 -53.99 -2.58
N HIS A 279 -27.72 -53.06 -1.62
CA HIS A 279 -28.36 -53.28 -0.33
C HIS A 279 -29.87 -53.38 -0.51
N PHE A 280 -30.38 -52.86 -1.62
CA PHE A 280 -31.80 -52.92 -1.92
C PHE A 280 -32.15 -54.35 -2.30
N ASN A 281 -31.12 -55.15 -2.57
CA ASN A 281 -31.32 -56.54 -2.95
C ASN A 281 -31.24 -57.48 -1.74
N ASP A 282 -31.16 -56.90 -0.55
CA ASP A 282 -31.10 -57.70 0.67
C ASP A 282 -32.50 -57.85 1.24
N PRO A 283 -32.73 -58.91 2.04
CA PRO A 283 -34.06 -59.10 2.62
C PRO A 283 -34.42 -57.95 3.56
N VAL A 284 -35.71 -57.68 3.67
CA VAL A 284 -36.20 -56.61 4.54
C VAL A 284 -35.98 -56.94 6.01
N HIS A 285 -36.36 -58.15 6.41
CA HIS A 285 -36.20 -58.59 7.79
C HIS A 285 -34.75 -58.90 8.08
N GLY A 286 -34.30 -58.50 9.26
CA GLY A 286 -32.92 -58.74 9.65
C GLY A 286 -32.00 -57.57 9.39
N GLY A 287 -30.71 -57.74 9.70
CA GLY A 287 -29.75 -56.68 9.49
C GLY A 287 -30.05 -55.45 10.32
N SER A 288 -29.01 -54.84 10.88
CA SER A 288 -29.18 -53.64 11.68
C SER A 288 -29.26 -52.41 10.80
N TRP A 289 -30.48 -52.01 10.45
CA TRP A 289 -30.68 -50.84 9.61
C TRP A 289 -30.16 -49.60 10.31
N ILE A 290 -30.58 -49.43 11.57
CA ILE A 290 -30.13 -48.29 12.33
C ILE A 290 -28.61 -48.29 12.49
N ARG A 291 -28.01 -49.48 12.67
CA ARG A 291 -26.56 -49.56 12.83
C ARG A 291 -25.84 -49.50 11.50
N GLY A 292 -26.59 -49.19 10.44
CA GLY A 292 -26.02 -49.09 9.12
C GLY A 292 -26.01 -47.64 8.69
N ALA A 293 -27.07 -46.92 9.03
CA ALA A 293 -27.21 -45.51 8.71
C ALA A 293 -26.14 -44.76 9.48
N ILE A 294 -25.82 -45.29 10.66
CA ILE A 294 -24.79 -44.69 11.50
C ILE A 294 -23.45 -44.83 10.80
N TYR A 295 -23.24 -45.97 10.16
CA TYR A 295 -22.02 -46.22 9.44
C TYR A 295 -21.83 -45.18 8.33
N TYR A 296 -22.90 -44.90 7.59
CA TYR A 296 -22.83 -43.91 6.51
C TYR A 296 -22.60 -42.51 7.07
N PHE A 297 -23.45 -42.08 7.99
CA PHE A 297 -23.31 -40.75 8.58
C PHE A 297 -21.91 -40.57 9.15
N LYS A 298 -21.38 -41.65 9.73
CA LYS A 298 -20.05 -41.63 10.32
C LYS A 298 -18.96 -41.32 9.27
N ILE A 299 -19.04 -41.93 8.09
CA ILE A 299 -18.03 -41.67 7.07
C ILE A 299 -18.19 -40.28 6.47
N ALA A 300 -19.40 -39.73 6.54
CA ALA A 300 -19.64 -38.39 6.03
C ALA A 300 -18.81 -37.44 6.89
N VAL A 301 -18.90 -37.62 8.20
CA VAL A 301 -18.15 -36.80 9.14
C VAL A 301 -16.65 -36.90 8.83
N ALA A 302 -16.15 -38.12 8.72
CA ALA A 302 -14.74 -38.32 8.41
C ALA A 302 -14.44 -37.74 7.04
N LEU A 303 -15.41 -37.84 6.13
CA LEU A 303 -15.26 -37.32 4.78
C LEU A 303 -15.02 -35.82 4.83
N ALA A 304 -15.92 -35.13 5.52
CA ALA A 304 -15.83 -33.68 5.66
C ALA A 304 -14.55 -33.23 6.37
N VAL A 305 -14.20 -33.92 7.45
CA VAL A 305 -13.00 -33.58 8.19
C VAL A 305 -11.76 -33.86 7.36
N ALA A 306 -11.85 -34.88 6.51
CA ALA A 306 -10.73 -35.29 5.67
C ALA A 306 -10.47 -34.39 4.45
N ALA A 307 -11.52 -33.77 3.93
CA ALA A 307 -11.35 -32.93 2.75
C ALA A 307 -10.92 -31.50 3.07
N ILE A 308 -11.27 -31.03 4.25
CA ILE A 308 -10.94 -29.66 4.65
C ILE A 308 -9.57 -29.57 5.29
N PRO A 309 -8.73 -28.68 4.78
CA PRO A 309 -7.38 -28.52 5.36
C PRO A 309 -7.52 -27.59 6.56
N GLU A 310 -8.22 -28.06 7.58
CA GLU A 310 -8.49 -27.27 8.79
C GLU A 310 -7.39 -26.36 9.29
N GLY A 311 -6.13 -26.79 9.17
CA GLY A 311 -5.06 -25.96 9.67
C GLY A 311 -4.43 -25.00 8.69
N LEU A 312 -4.92 -24.97 7.46
CA LEU A 312 -4.35 -24.11 6.44
C LEU A 312 -4.37 -22.60 6.71
N PRO A 313 -5.54 -22.07 7.13
CA PRO A 313 -5.67 -20.63 7.43
C PRO A 313 -4.67 -20.13 8.46
N ALA A 314 -4.43 -20.94 9.51
CA ALA A 314 -3.47 -20.56 10.54
C ALA A 314 -2.02 -20.65 10.01
N VAL A 315 -1.76 -21.57 9.09
CA VAL A 315 -0.43 -21.72 8.53
C VAL A 315 -0.11 -20.52 7.64
N ILE A 316 -1.06 -20.15 6.80
CA ILE A 316 -0.90 -19.00 5.92
C ILE A 316 -0.63 -17.76 6.78
N THR A 317 -1.51 -17.52 7.74
CA THR A 317 -1.37 -16.39 8.63
C THR A 317 -0.04 -16.36 9.36
N THR A 318 0.46 -17.52 9.78
CA THR A 318 1.75 -17.54 10.48
C THR A 318 2.86 -17.14 9.52
N CYS A 319 2.80 -17.65 8.31
CA CYS A 319 3.84 -17.33 7.34
C CYS A 319 3.83 -15.83 7.01
N LEU A 320 2.63 -15.29 6.85
CA LEU A 320 2.46 -13.87 6.53
C LEU A 320 2.93 -12.96 7.66
N ALA A 321 2.61 -13.32 8.90
CA ALA A 321 3.04 -12.51 10.04
C ALA A 321 4.55 -12.53 10.13
N LEU A 322 5.13 -13.71 9.90
CA LEU A 322 6.57 -13.85 9.96
C LEU A 322 7.24 -13.03 8.86
N GLY A 323 6.75 -13.19 7.65
CA GLY A 323 7.30 -12.45 6.54
C GLY A 323 7.14 -10.95 6.73
N THR A 324 5.97 -10.57 7.24
CA THR A 324 5.65 -9.17 7.50
C THR A 324 6.64 -8.52 8.46
N ARG A 325 7.00 -9.23 9.52
CA ARG A 325 7.95 -8.67 10.48
C ARG A 325 9.31 -8.57 9.81
N ARG A 326 9.56 -9.45 8.85
CA ARG A 326 10.82 -9.44 8.11
C ARG A 326 10.86 -8.23 7.20
N MET A 327 9.76 -7.96 6.52
CA MET A 327 9.65 -6.82 5.62
C MET A 327 9.81 -5.51 6.36
N ALA A 328 9.35 -5.47 7.60
CA ALA A 328 9.46 -4.25 8.39
C ALA A 328 10.92 -3.88 8.60
N LYS A 329 11.74 -4.87 8.92
CA LYS A 329 13.15 -4.61 9.14
C LYS A 329 13.82 -4.00 7.91
N LYS A 330 13.13 -4.06 6.77
CA LYS A 330 13.65 -3.47 5.53
C LYS A 330 12.86 -2.23 5.13
N ASN A 331 12.19 -1.64 6.12
CA ASN A 331 11.42 -0.41 5.94
C ASN A 331 10.07 -0.49 5.27
N ALA A 332 9.58 -1.71 5.05
CA ALA A 332 8.28 -1.87 4.42
C ALA A 332 7.29 -2.35 5.46
N ILE A 333 6.38 -1.46 5.86
CA ILE A 333 5.37 -1.78 6.85
C ILE A 333 4.11 -2.18 6.10
N VAL A 334 3.82 -3.48 6.09
CA VAL A 334 2.66 -3.98 5.38
C VAL A 334 1.53 -3.98 6.38
N ARG A 335 0.39 -3.42 5.98
CA ARG A 335 -0.77 -3.34 6.86
C ARG A 335 -1.71 -4.51 6.67
N SER A 336 -1.94 -4.91 5.42
CA SER A 336 -2.84 -6.02 5.10
C SER A 336 -2.04 -7.30 4.80
N LEU A 337 -2.19 -8.34 5.62
CA LEU A 337 -1.44 -9.57 5.39
C LEU A 337 -1.65 -10.17 4.00
N PRO A 338 -2.89 -10.17 3.49
CA PRO A 338 -3.11 -10.74 2.16
C PRO A 338 -2.44 -9.88 1.08
N SER A 339 -2.01 -8.68 1.46
CA SER A 339 -1.37 -7.77 0.51
C SER A 339 0.03 -8.25 0.09
N VAL A 340 0.68 -9.01 0.96
CA VAL A 340 2.02 -9.52 0.64
C VAL A 340 1.95 -10.31 -0.66
N GLU A 341 0.84 -11.00 -0.86
CA GLU A 341 0.68 -11.79 -2.06
C GLU A 341 0.62 -10.88 -3.26
N THR A 342 -0.38 -9.99 -3.25
CA THR A 342 -0.56 -9.05 -4.36
C THR A 342 0.73 -8.28 -4.63
N LEU A 343 1.51 -8.00 -3.60
CA LEU A 343 2.74 -7.26 -3.76
C LEU A 343 3.72 -8.00 -4.68
N GLY A 344 3.83 -9.32 -4.50
CA GLY A 344 4.70 -10.11 -5.35
C GLY A 344 4.22 -10.05 -6.79
N CYS A 345 2.92 -9.83 -6.97
CA CYS A 345 2.31 -9.76 -8.31
C CYS A 345 2.37 -8.40 -8.97
N THR A 346 2.86 -7.40 -8.25
CA THR A 346 2.96 -6.04 -8.77
C THR A 346 3.50 -6.06 -10.19
N SER A 347 2.73 -5.55 -11.14
CA SER A 347 3.21 -5.49 -12.52
C SER A 347 3.48 -4.05 -12.97
N VAL A 348 2.91 -3.08 -12.23
CA VAL A 348 3.11 -1.66 -12.49
C VAL A 348 3.24 -0.89 -11.18
N ILE A 349 4.30 -0.08 -11.08
CA ILE A 349 4.55 0.74 -9.91
C ILE A 349 4.54 2.21 -10.32
N CYS A 350 3.56 2.97 -9.79
CA CYS A 350 3.45 4.40 -10.07
C CYS A 350 4.06 5.12 -8.89
N SER A 351 5.15 5.84 -9.10
CA SER A 351 5.81 6.52 -7.99
C SER A 351 5.93 8.02 -8.15
N ASP A 352 5.61 8.75 -7.09
CA ASP A 352 5.78 10.21 -7.10
C ASP A 352 7.30 10.40 -7.09
N LYS A 353 7.81 11.47 -7.71
CA LYS A 353 9.24 11.68 -7.72
C LYS A 353 9.79 12.26 -6.42
N THR A 354 9.45 13.52 -6.16
CA THR A 354 9.98 14.20 -4.99
C THR A 354 9.94 13.48 -3.64
N GLY A 355 11.11 13.20 -3.11
CA GLY A 355 11.21 12.53 -1.82
C GLY A 355 11.13 11.01 -1.84
N THR A 356 10.77 10.43 -2.98
CA THR A 356 10.70 8.96 -3.10
C THR A 356 11.74 8.46 -4.11
N LEU A 357 11.75 9.05 -5.29
CA LEU A 357 12.71 8.74 -6.33
C LEU A 357 13.92 9.63 -6.09
N THR A 358 13.67 10.79 -5.47
CA THR A 358 14.73 11.76 -5.15
C THR A 358 14.80 11.99 -3.66
N THR A 359 15.78 12.78 -3.22
CA THR A 359 15.95 13.05 -1.79
C THR A 359 15.23 14.32 -1.30
N ASN A 360 14.82 15.16 -2.23
CA ASN A 360 14.17 16.43 -1.89
C ASN A 360 15.16 17.30 -1.10
N GLN A 361 16.45 17.11 -1.37
CA GLN A 361 17.52 17.89 -0.74
C GLN A 361 18.01 18.81 -1.85
N MET A 362 17.49 20.03 -1.89
CA MET A 362 17.84 21.01 -2.91
C MET A 362 19.29 21.51 -2.84
N SER A 363 19.84 21.82 -4.01
CA SER A 363 21.20 22.32 -4.07
C SER A 363 21.48 23.05 -5.38
N VAL A 364 21.90 24.31 -5.30
CA VAL A 364 22.22 25.06 -6.52
C VAL A 364 23.57 24.58 -7.03
N CYS A 365 23.63 24.18 -8.29
CA CYS A 365 24.86 23.65 -8.88
C CYS A 365 25.47 24.58 -9.87
N LYS A 366 24.64 25.39 -10.47
CA LYS A 366 25.11 26.33 -11.48
C LYS A 366 24.34 27.62 -11.38
N MET A 367 24.83 28.62 -12.08
CA MET A 367 24.21 29.93 -12.12
C MET A 367 25.01 30.69 -13.16
N PHE A 368 24.43 31.72 -13.74
CA PHE A 368 25.14 32.51 -14.73
C PHE A 368 24.53 33.91 -14.81
N ILE A 369 25.31 34.86 -15.33
CA ILE A 369 24.88 36.23 -15.47
C ILE A 369 25.32 36.68 -16.84
N ILE A 370 24.95 37.90 -17.21
CA ILE A 370 25.36 38.41 -18.50
C ILE A 370 26.72 39.04 -18.29
N ASP A 371 27.64 38.74 -19.21
CA ASP A 371 29.01 39.21 -19.15
C ASP A 371 29.22 40.43 -20.03
N LYS A 372 28.69 40.35 -21.24
CA LYS A 372 28.84 41.43 -22.18
C LYS A 372 27.75 41.31 -23.21
N VAL A 373 27.26 42.47 -23.66
CA VAL A 373 26.25 42.54 -24.71
C VAL A 373 26.66 43.70 -25.59
N ASP A 374 27.25 43.38 -26.73
CA ASP A 374 27.70 44.39 -27.68
C ASP A 374 27.07 44.05 -29.03
N GLY A 375 25.85 44.52 -29.24
CA GLY A 375 25.16 44.27 -30.49
C GLY A 375 24.80 42.80 -30.71
N ASP A 376 25.27 42.25 -31.82
CA ASP A 376 25.00 40.85 -32.14
C ASP A 376 25.89 39.92 -31.33
N PHE A 377 26.90 40.48 -30.67
CA PHE A 377 27.81 39.68 -29.85
C PHE A 377 27.28 39.59 -28.43
N CYS A 378 27.56 38.46 -27.79
CA CYS A 378 27.08 38.27 -26.44
C CYS A 378 27.82 37.16 -25.69
N SER A 379 28.06 37.36 -24.40
CA SER A 379 28.72 36.35 -23.59
C SER A 379 28.13 36.28 -22.19
N LEU A 380 28.11 35.07 -21.62
CA LEU A 380 27.57 34.86 -20.29
C LEU A 380 28.70 34.56 -19.34
N ASN A 381 28.39 34.53 -18.06
CA ASN A 381 29.37 34.23 -17.04
C ASN A 381 28.81 33.09 -16.19
N GLU A 382 29.04 31.85 -16.61
CA GLU A 382 28.56 30.67 -15.90
C GLU A 382 29.49 30.31 -14.76
N PHE A 383 28.92 29.76 -13.69
CA PHE A 383 29.68 29.31 -12.52
C PHE A 383 29.12 27.98 -12.03
N SER A 384 29.85 27.35 -11.11
CA SER A 384 29.45 26.09 -10.50
C SER A 384 29.60 26.29 -9.02
N ILE A 385 28.90 25.46 -8.26
CA ILE A 385 28.94 25.56 -6.81
C ILE A 385 29.07 24.14 -6.25
N THR A 386 29.95 23.94 -5.29
CA THR A 386 30.11 22.61 -4.72
C THR A 386 29.37 22.56 -3.40
N GLY A 387 28.95 21.35 -3.03
CA GLY A 387 28.21 21.16 -1.80
C GLY A 387 26.79 20.78 -2.17
N SER A 388 26.27 19.70 -1.62
CA SER A 388 24.92 19.26 -1.93
C SER A 388 24.05 19.28 -0.67
N THR A 389 24.66 19.64 0.44
CA THR A 389 23.96 19.71 1.71
C THR A 389 23.44 21.13 1.87
N TYR A 390 22.61 21.36 2.88
CA TYR A 390 22.11 22.71 3.11
C TYR A 390 23.16 23.52 3.86
N ALA A 391 24.25 22.86 4.25
CA ALA A 391 25.33 23.51 4.97
C ALA A 391 26.05 24.53 4.10
N PRO A 392 26.42 25.68 4.69
CA PRO A 392 27.12 26.75 3.97
C PRO A 392 28.55 26.37 3.59
N GLU A 393 28.79 25.06 3.50
CA GLU A 393 30.10 24.53 3.15
C GLU A 393 30.20 24.25 1.65
N GLY A 394 31.00 25.04 0.95
CA GLY A 394 31.15 24.86 -0.47
C GLY A 394 31.94 25.99 -1.08
N GLU A 395 31.93 26.10 -2.41
CA GLU A 395 32.67 27.16 -3.07
C GLU A 395 32.12 27.40 -4.48
N VAL A 396 32.39 28.57 -5.03
CA VAL A 396 31.94 28.93 -6.36
C VAL A 396 33.12 28.75 -7.30
N LEU A 397 32.85 28.41 -8.55
CA LEU A 397 33.93 28.18 -9.51
C LEU A 397 33.60 28.66 -10.92
N LYS A 398 34.65 29.06 -11.64
CA LYS A 398 34.53 29.54 -13.03
C LYS A 398 35.47 28.63 -13.83
N ASN A 399 34.90 27.71 -14.61
CA ASN A 399 35.68 26.75 -15.37
C ASN A 399 36.54 25.92 -14.41
N ASP A 400 35.92 25.45 -13.33
CA ASP A 400 36.55 24.63 -12.29
C ASP A 400 37.55 25.40 -11.43
N LYS A 401 37.89 26.59 -11.89
CA LYS A 401 38.81 27.47 -11.18
C LYS A 401 38.01 28.24 -10.13
N PRO A 402 38.36 28.08 -8.85
CA PRO A 402 37.62 28.80 -7.82
C PRO A 402 37.82 30.31 -8.02
N ILE A 403 36.75 31.07 -7.78
CA ILE A 403 36.82 32.52 -7.90
C ILE A 403 36.12 33.10 -6.68
N ARG A 404 36.12 34.43 -6.58
CA ARG A 404 35.48 35.11 -5.47
C ARG A 404 34.23 35.74 -6.06
N SER A 405 33.08 35.52 -5.45
CA SER A 405 31.84 36.08 -5.97
C SER A 405 31.85 37.60 -6.00
N GLY A 406 32.48 38.23 -5.01
CA GLY A 406 32.54 39.68 -4.93
C GLY A 406 33.13 40.41 -6.12
N GLN A 407 34.07 39.81 -6.83
CA GLN A 407 34.71 40.43 -7.99
C GLN A 407 33.73 40.62 -9.17
N PHE A 408 32.55 40.05 -9.07
CA PHE A 408 31.54 40.20 -10.12
C PHE A 408 30.34 40.90 -9.48
N ASP A 409 30.06 42.14 -9.89
CA ASP A 409 28.94 42.86 -9.30
C ASP A 409 27.65 42.10 -9.61
N GLY A 410 27.49 41.69 -10.86
CA GLY A 410 26.33 40.94 -11.25
C GLY A 410 25.98 39.86 -10.24
N LEU A 411 27.00 39.28 -9.61
CA LEU A 411 26.74 38.24 -8.62
C LEU A 411 26.30 38.81 -7.29
N VAL A 412 26.73 40.03 -7.00
CA VAL A 412 26.34 40.67 -5.76
C VAL A 412 24.83 40.85 -5.78
N GLU A 413 24.30 41.34 -6.90
CA GLU A 413 22.86 41.52 -7.04
C GLU A 413 22.14 40.17 -7.10
N LEU A 414 22.78 39.20 -7.75
CA LEU A 414 22.23 37.85 -7.89
C LEU A 414 21.97 37.34 -6.48
N ALA A 415 22.98 37.49 -5.63
CA ALA A 415 22.89 37.03 -4.25
C ALA A 415 21.89 37.85 -3.44
N THR A 416 21.77 39.12 -3.77
CA THR A 416 20.85 40.00 -3.06
C THR A 416 19.42 39.51 -3.29
N ILE A 417 19.08 39.28 -4.56
CA ILE A 417 17.76 38.78 -4.92
C ILE A 417 17.51 37.44 -4.20
N CYS A 418 18.47 36.53 -4.23
CA CYS A 418 18.30 35.23 -3.57
C CYS A 418 18.07 35.34 -2.07
N ALA A 419 18.69 36.34 -1.45
CA ALA A 419 18.56 36.51 -0.02
C ALA A 419 17.24 37.20 0.36
N LEU A 420 16.91 38.28 -0.34
CA LEU A 420 15.70 39.04 -0.05
C LEU A 420 14.38 38.39 -0.47
N CYS A 421 14.25 38.05 -1.74
CA CYS A 421 13.05 37.40 -2.27
C CYS A 421 13.07 35.95 -1.79
N ASN A 422 12.93 35.75 -0.49
CA ASN A 422 13.03 34.42 0.08
C ASN A 422 12.40 34.40 1.47
N ASP A 423 11.50 33.44 1.72
CA ASP A 423 10.87 33.33 3.03
C ASP A 423 11.49 32.22 3.87
N SER A 424 12.56 31.62 3.36
CA SER A 424 13.20 30.53 4.06
C SER A 424 14.49 30.94 4.76
N SER A 425 15.04 30.01 5.56
CA SER A 425 16.27 30.26 6.30
C SER A 425 16.96 28.96 6.69
N LEU A 426 18.04 29.10 7.44
CA LEU A 426 18.80 27.94 7.91
C LEU A 426 18.79 27.89 9.43
N ASP A 427 19.11 26.72 9.97
CA ASP A 427 19.16 26.50 11.41
C ASP A 427 20.06 25.32 11.73
N PHE A 428 21.22 25.60 12.34
CA PHE A 428 22.15 24.54 12.69
C PHE A 428 21.60 23.78 13.89
N ASN A 429 21.29 22.50 13.68
CA ASN A 429 20.76 21.65 14.74
C ASN A 429 21.91 21.03 15.52
N GLU A 430 22.23 21.64 16.66
CA GLU A 430 23.32 21.17 17.52
C GLU A 430 23.16 19.70 17.91
N THR A 431 21.92 19.22 17.92
CA THR A 431 21.62 17.83 18.27
C THR A 431 22.15 16.87 17.19
N LYS A 432 21.51 16.87 16.03
CA LYS A 432 21.92 16.01 14.92
C LYS A 432 23.36 16.29 14.49
N GLY A 433 23.75 17.57 14.50
CA GLY A 433 25.09 17.94 14.12
C GLY A 433 25.23 18.43 12.69
N VAL A 434 24.10 18.74 12.06
CA VAL A 434 24.10 19.23 10.69
C VAL A 434 23.04 20.30 10.47
N TYR A 435 23.24 21.13 9.44
CA TYR A 435 22.29 22.19 9.13
C TYR A 435 21.01 21.64 8.52
N GLU A 436 19.88 22.26 8.90
CA GLU A 436 18.57 21.85 8.40
C GLU A 436 17.79 23.04 7.84
N LYS A 437 16.85 22.75 6.95
CA LYS A 437 16.04 23.78 6.32
C LYS A 437 14.90 24.31 7.19
N VAL A 438 14.53 25.55 6.93
CA VAL A 438 13.44 26.21 7.63
C VAL A 438 12.58 26.85 6.54
N GLY A 439 11.77 26.02 5.88
CA GLY A 439 10.93 26.52 4.83
C GLY A 439 10.95 25.54 3.67
N GLU A 440 10.65 26.01 2.48
CA GLU A 440 10.66 25.12 1.32
C GLU A 440 12.10 24.83 0.88
N ALA A 441 12.33 23.65 0.35
CA ALA A 441 13.65 23.24 -0.10
C ALA A 441 14.23 24.13 -1.21
N THR A 442 13.38 24.63 -2.10
CA THR A 442 13.85 25.46 -3.20
C THR A 442 14.43 26.78 -2.72
N GLU A 443 13.73 27.45 -1.81
CA GLU A 443 14.21 28.73 -1.28
C GLU A 443 15.41 28.54 -0.37
N THR A 444 15.41 27.49 0.44
CA THR A 444 16.52 27.24 1.35
C THR A 444 17.81 27.04 0.54
N ALA A 445 17.73 26.35 -0.59
CA ALA A 445 18.92 26.16 -1.41
C ALA A 445 19.46 27.53 -1.79
N LEU A 446 18.56 28.49 -2.02
CA LEU A 446 18.98 29.85 -2.39
C LEU A 446 19.64 30.49 -1.18
N THR A 447 19.13 30.20 0.01
CA THR A 447 19.70 30.73 1.23
C THR A 447 21.13 30.18 1.32
N THR A 448 21.24 28.85 1.25
CA THR A 448 22.53 28.17 1.30
C THR A 448 23.49 28.70 0.26
N LEU A 449 22.98 29.08 -0.90
CA LEU A 449 23.82 29.62 -1.96
C LEU A 449 24.45 30.98 -1.59
N VAL A 450 23.68 31.80 -0.87
CA VAL A 450 24.14 33.11 -0.46
C VAL A 450 25.35 32.99 0.45
N GLU A 451 25.29 32.04 1.37
CA GLU A 451 26.40 31.83 2.29
C GLU A 451 27.66 31.37 1.55
N LYS A 452 27.49 30.49 0.58
CA LYS A 452 28.64 29.99 -0.18
C LYS A 452 29.25 31.07 -1.05
N MET A 453 28.41 31.93 -1.61
CA MET A 453 28.89 33.02 -2.47
C MET A 453 29.64 34.10 -1.69
N ASN A 454 29.02 34.56 -0.60
CA ASN A 454 29.57 35.60 0.26
C ASN A 454 30.10 36.75 -0.60
N VAL A 455 29.18 37.46 -1.23
CA VAL A 455 29.53 38.57 -2.11
C VAL A 455 30.18 39.78 -1.44
N PHE A 456 30.12 39.83 -0.11
CA PHE A 456 30.72 40.96 0.59
C PHE A 456 31.94 40.63 1.45
N ASN A 457 32.31 39.35 1.50
CA ASN A 457 33.45 38.91 2.29
C ASN A 457 33.22 39.26 3.76
N THR A 458 32.73 38.30 4.54
CA THR A 458 32.44 38.52 5.95
C THR A 458 33.23 37.55 6.85
N GLU A 459 33.44 37.96 8.10
CA GLU A 459 34.16 37.14 9.06
C GLU A 459 33.30 35.97 9.49
N VAL A 460 32.94 35.12 8.55
CA VAL A 460 32.11 33.96 8.84
C VAL A 460 32.93 32.89 9.55
N ARG A 461 34.20 32.79 9.17
CA ARG A 461 35.12 31.82 9.77
C ARG A 461 35.55 32.30 11.15
N ASN A 462 34.79 33.24 11.70
CA ASN A 462 35.07 33.79 13.01
C ASN A 462 33.88 33.49 13.92
N LEU A 463 32.74 33.17 13.30
CA LEU A 463 31.53 32.85 14.05
C LEU A 463 31.45 31.35 14.30
N SER A 464 30.54 30.96 15.18
CA SER A 464 30.37 29.54 15.51
C SER A 464 29.72 28.80 14.34
N LYS A 465 29.00 27.73 14.67
CA LYS A 465 28.32 26.93 13.66
C LYS A 465 26.88 27.39 13.55
N VAL A 466 26.35 27.91 14.67
CA VAL A 466 24.97 28.40 14.72
C VAL A 466 24.89 29.80 14.13
N GLU A 467 26.01 30.52 14.18
CA GLU A 467 26.06 31.88 13.64
C GLU A 467 26.45 31.88 12.16
N ARG A 468 27.15 30.83 11.75
CA ARG A 468 27.60 30.68 10.37
C ARG A 468 26.39 30.50 9.46
N ALA A 469 25.41 29.76 9.97
CA ALA A 469 24.17 29.46 9.25
C ALA A 469 23.66 30.62 8.41
N ASN A 470 23.13 31.63 9.08
CA ASN A 470 22.57 32.78 8.39
C ASN A 470 23.44 34.03 8.53
N ALA A 471 24.66 33.97 8.02
CA ALA A 471 25.57 35.10 8.11
C ALA A 471 25.44 36.07 6.93
N CYS A 472 25.87 35.62 5.76
CA CYS A 472 25.82 36.46 4.55
C CYS A 472 24.41 36.93 4.24
N ASN A 473 23.41 36.18 4.69
CA ASN A 473 22.03 36.59 4.44
C ASN A 473 21.74 37.83 5.26
N SER A 474 22.04 37.75 6.55
CA SER A 474 21.82 38.87 7.47
C SER A 474 22.48 40.15 6.96
N VAL A 475 23.68 40.02 6.42
CA VAL A 475 24.39 41.18 5.90
C VAL A 475 23.58 41.87 4.80
N ILE A 476 23.12 41.10 3.83
CA ILE A 476 22.33 41.65 2.74
C ILE A 476 20.99 42.17 3.25
N ARG A 477 20.48 41.56 4.32
CA ARG A 477 19.22 41.99 4.92
C ARG A 477 19.32 43.42 5.45
N GLN A 478 20.44 43.72 6.09
CA GLN A 478 20.67 45.04 6.67
C GLN A 478 20.86 46.16 5.64
N LEU A 479 21.07 45.80 4.38
CA LEU A 479 21.26 46.82 3.34
C LEU A 479 19.97 47.19 2.63
N MET A 480 18.97 46.33 2.73
CA MET A 480 17.68 46.59 2.09
C MET A 480 16.56 46.27 3.05
N LYS A 481 15.62 47.21 3.16
CA LYS A 481 14.46 47.04 4.02
C LYS A 481 13.35 46.46 3.16
N LYS A 482 12.84 45.30 3.56
CA LYS A 482 11.77 44.63 2.84
C LYS A 482 10.42 45.22 3.27
N GLU A 483 9.83 46.02 2.40
CA GLU A 483 8.54 46.66 2.68
C GLU A 483 7.45 45.61 2.75
N PHE A 484 7.26 44.90 1.62
CA PHE A 484 6.26 43.85 1.54
C PHE A 484 6.65 42.81 0.48
N THR A 485 5.94 41.70 0.47
CA THR A 485 6.23 40.66 -0.51
C THR A 485 4.97 40.22 -1.26
N LEU A 486 5.08 40.07 -2.58
CA LEU A 486 3.97 39.61 -3.41
C LEU A 486 4.15 38.09 -3.57
N GLU A 487 3.35 37.30 -2.85
CA GLU A 487 3.46 35.84 -2.90
C GLU A 487 3.43 35.24 -4.28
N PHE A 488 4.03 34.05 -4.36
CA PHE A 488 4.09 33.24 -5.56
C PHE A 488 2.70 32.64 -5.83
N SER A 489 2.35 32.53 -7.10
CA SER A 489 1.08 31.94 -7.52
C SER A 489 1.37 31.22 -8.84
N ARG A 490 0.89 29.98 -8.99
CA ARG A 490 1.13 29.19 -10.19
C ARG A 490 0.75 29.87 -11.50
N ASP A 491 -0.15 30.83 -11.44
CA ASP A 491 -0.54 31.55 -12.65
C ASP A 491 0.65 32.28 -13.28
N ARG A 492 1.40 33.05 -12.48
CA ARG A 492 2.54 33.77 -13.04
C ARG A 492 3.86 33.05 -12.80
N LYS A 493 3.85 32.06 -11.92
CA LYS A 493 5.05 31.29 -11.61
C LYS A 493 6.24 32.18 -11.22
N SER A 494 5.96 33.18 -10.40
CA SER A 494 6.99 34.09 -9.92
C SER A 494 6.61 34.69 -8.57
N MET A 495 7.59 35.32 -7.95
CA MET A 495 7.44 35.94 -6.64
C MET A 495 8.32 37.20 -6.65
N SER A 496 8.02 38.13 -5.76
CA SER A 496 8.82 39.35 -5.68
C SER A 496 8.63 40.03 -4.35
N VAL A 497 9.62 40.85 -4.00
CA VAL A 497 9.57 41.60 -2.77
C VAL A 497 9.95 43.04 -3.10
N TYR A 498 9.26 43.97 -2.44
CA TYR A 498 9.49 45.37 -2.63
C TYR A 498 10.47 45.81 -1.55
N CYS A 499 11.53 46.50 -1.97
CA CYS A 499 12.56 46.94 -1.04
C CYS A 499 12.97 48.39 -1.22
N SER A 500 13.47 48.98 -0.14
CA SER A 500 13.95 50.35 -0.11
C SER A 500 15.23 50.32 0.71
N PRO A 501 16.26 51.05 0.27
CA PRO A 501 17.54 51.09 0.99
C PRO A 501 17.44 51.35 2.50
N ALA A 502 18.46 50.93 3.23
CA ALA A 502 18.49 51.12 4.68
C ALA A 502 18.89 52.54 5.06
N LYS A 503 20.02 53.01 4.51
CA LYS A 503 20.49 54.36 4.79
C LYS A 503 20.07 55.35 3.69
N SER A 504 18.87 55.92 3.85
CA SER A 504 18.34 56.87 2.88
C SER A 504 17.48 57.92 3.59
N SER A 505 17.94 59.16 3.61
CA SER A 505 17.25 60.27 4.26
C SER A 505 15.93 60.67 3.59
N ARG A 506 15.46 61.87 3.92
CA ARG A 506 14.21 62.42 3.37
C ARG A 506 14.17 62.41 1.84
N ALA A 507 13.65 61.32 1.28
CA ALA A 507 13.54 61.17 -0.16
C ALA A 507 12.51 60.09 -0.51
N ALA A 508 11.97 60.17 -1.72
CA ALA A 508 10.98 59.20 -2.18
C ALA A 508 11.44 58.53 -3.47
N VAL A 509 12.72 58.13 -3.51
CA VAL A 509 13.32 57.46 -4.67
C VAL A 509 14.44 56.52 -4.21
N GLY A 510 14.53 55.35 -4.86
CA GLY A 510 15.57 54.39 -4.51
C GLY A 510 15.08 52.98 -4.24
N ASN A 511 13.78 52.75 -4.39
CA ASN A 511 13.18 51.44 -4.15
C ASN A 511 13.38 50.46 -5.30
N LYS A 512 13.36 49.17 -4.96
CA LYS A 512 13.54 48.12 -5.96
C LYS A 512 12.65 46.92 -5.67
N MET A 513 12.33 46.18 -6.72
CA MET A 513 11.56 44.95 -6.58
C MET A 513 12.49 43.84 -7.08
N PHE A 514 12.62 42.79 -6.29
CA PHE A 514 13.47 41.66 -6.67
C PHE A 514 12.57 40.48 -7.01
N VAL A 515 12.60 40.08 -8.26
CA VAL A 515 11.77 38.99 -8.77
C VAL A 515 12.49 37.65 -8.98
N LYS A 516 11.84 36.59 -8.52
CA LYS A 516 12.31 35.21 -8.61
C LYS A 516 11.18 34.35 -9.19
N GLY A 517 11.49 33.41 -10.09
CA GLY A 517 10.46 32.56 -10.65
C GLY A 517 10.84 31.70 -11.86
N ALA A 518 9.84 31.02 -12.43
CA ALA A 518 10.06 30.20 -13.61
C ALA A 518 10.62 31.13 -14.67
N PRO A 519 11.66 30.69 -15.40
CA PRO A 519 12.36 31.42 -16.45
C PRO A 519 11.56 32.01 -17.59
N GLU A 520 10.77 31.17 -18.27
CA GLU A 520 9.97 31.60 -19.41
C GLU A 520 9.22 32.88 -19.10
N GLY A 521 8.33 32.82 -18.10
CA GLY A 521 7.55 33.98 -17.73
C GLY A 521 8.37 35.16 -17.26
N VAL A 522 9.29 34.94 -16.31
CA VAL A 522 10.11 36.04 -15.81
C VAL A 522 10.88 36.75 -16.92
N ILE A 523 11.56 35.98 -17.77
CA ILE A 523 12.33 36.54 -18.87
C ILE A 523 11.46 37.27 -19.89
N ASP A 524 10.22 36.84 -20.05
CA ASP A 524 9.33 37.50 -21.00
C ASP A 524 8.90 38.88 -20.53
N ARG A 525 8.99 39.14 -19.24
CA ARG A 525 8.60 40.43 -18.71
C ARG A 525 9.80 41.35 -18.48
N CYS A 526 10.97 40.88 -18.92
CA CYS A 526 12.21 41.66 -18.80
C CYS A 526 12.40 42.48 -20.06
N ASN A 527 12.59 43.79 -19.91
CA ASN A 527 12.82 44.63 -21.07
C ASN A 527 14.28 45.04 -21.07
N TYR A 528 14.97 44.74 -19.97
CA TYR A 528 16.36 45.09 -19.83
C TYR A 528 17.19 43.92 -19.33
N VAL A 529 18.47 43.99 -19.64
CA VAL A 529 19.42 42.97 -19.24
C VAL A 529 20.52 43.67 -18.49
N ARG A 530 20.89 43.15 -17.34
CA ARG A 530 21.93 43.75 -16.53
C ARG A 530 23.31 43.20 -16.94
N VAL A 531 24.27 44.10 -17.15
CA VAL A 531 25.63 43.71 -17.51
C VAL A 531 26.58 44.32 -16.49
N GLY A 532 26.81 43.60 -15.40
CA GLY A 532 27.66 44.12 -14.35
C GLY A 532 26.84 45.06 -13.51
N THR A 533 27.07 46.37 -13.66
CA THR A 533 26.33 47.37 -12.91
C THR A 533 25.51 48.21 -13.86
N THR A 534 25.79 48.06 -15.15
CA THR A 534 25.09 48.81 -16.18
C THR A 534 23.87 48.00 -16.65
N ARG A 535 23.12 48.60 -17.57
CA ARG A 535 21.92 47.96 -18.09
C ARG A 535 21.75 48.23 -19.58
N VAL A 536 21.23 47.27 -20.32
CA VAL A 536 21.02 47.47 -21.76
C VAL A 536 19.70 46.85 -22.18
N PRO A 537 19.08 47.36 -23.26
CA PRO A 537 17.81 46.81 -23.75
C PRO A 537 17.87 45.33 -24.14
N MET A 538 16.91 44.56 -23.64
CA MET A 538 16.82 43.14 -23.93
C MET A 538 16.61 42.94 -25.44
N THR A 539 17.41 42.07 -26.05
CA THR A 539 17.29 41.80 -27.49
C THR A 539 16.95 40.37 -27.82
N GLY A 540 16.51 40.13 -29.06
CA GLY A 540 16.16 38.79 -29.47
C GLY A 540 17.31 37.83 -29.27
N PRO A 541 18.48 38.13 -29.86
CA PRO A 541 19.67 37.29 -29.73
C PRO A 541 19.96 36.87 -28.30
N VAL A 542 20.29 37.86 -27.48
CA VAL A 542 20.61 37.64 -26.08
C VAL A 542 19.55 36.82 -25.33
N LYS A 543 18.28 37.00 -25.69
CA LYS A 543 17.20 36.28 -25.04
C LYS A 543 17.32 34.79 -25.35
N GLU A 544 17.50 34.47 -26.63
CA GLU A 544 17.67 33.09 -27.07
C GLU A 544 18.85 32.45 -26.37
N LYS A 545 19.94 33.20 -26.28
CA LYS A 545 21.15 32.72 -25.62
C LYS A 545 20.78 32.28 -24.20
N ILE A 546 20.03 33.13 -23.49
CA ILE A 546 19.61 32.84 -22.11
C ILE A 546 18.73 31.60 -22.05
N LEU A 547 17.79 31.54 -22.98
CA LEU A 547 16.85 30.43 -23.03
C LEU A 547 17.48 29.13 -23.49
N SER A 548 18.50 29.22 -24.35
CA SER A 548 19.15 28.00 -24.82
C SER A 548 19.89 27.35 -23.64
N VAL A 549 20.59 28.16 -22.86
CA VAL A 549 21.28 27.59 -21.72
C VAL A 549 20.29 27.02 -20.71
N ILE A 550 19.20 27.74 -20.45
CA ILE A 550 18.21 27.25 -19.50
C ILE A 550 17.71 25.91 -19.99
N LYS A 551 17.39 25.82 -21.27
CA LYS A 551 16.90 24.58 -21.85
C LYS A 551 17.93 23.45 -21.65
N GLU A 552 19.19 23.75 -21.96
CA GLU A 552 20.28 22.77 -21.80
C GLU A 552 20.33 22.27 -20.34
N TRP A 553 20.35 23.20 -19.40
CA TRP A 553 20.41 22.85 -17.99
C TRP A 553 19.18 22.07 -17.51
N GLY A 554 17.99 22.56 -17.85
CA GLY A 554 16.80 21.87 -17.40
C GLY A 554 16.45 20.61 -18.17
N THR A 555 16.98 20.46 -19.38
CA THR A 555 16.65 19.30 -20.21
C THR A 555 17.78 18.34 -20.56
N GLY A 556 19.01 18.73 -20.23
CA GLY A 556 20.15 17.87 -20.50
C GLY A 556 20.36 16.96 -19.30
N ARG A 557 21.50 16.28 -19.25
CA ARG A 557 21.81 15.36 -18.17
C ARG A 557 21.97 16.00 -16.80
N ASP A 558 21.94 17.33 -16.75
CA ASP A 558 22.05 18.01 -15.45
C ASP A 558 20.70 17.95 -14.73
N THR A 559 19.60 17.87 -15.51
CA THR A 559 18.24 17.81 -14.95
C THR A 559 18.06 18.83 -13.81
N LEU A 560 18.41 20.08 -14.08
CA LEU A 560 18.32 21.11 -13.06
C LEU A 560 17.01 21.89 -13.12
N ARG A 561 16.52 22.26 -11.94
CA ARG A 561 15.29 23.06 -11.80
C ARG A 561 15.79 24.51 -11.87
N CYS A 562 15.41 25.24 -12.92
CA CYS A 562 15.87 26.61 -13.08
C CYS A 562 14.96 27.77 -12.64
N LEU A 563 15.59 28.78 -12.02
CA LEU A 563 14.90 30.00 -11.57
C LEU A 563 15.57 31.22 -12.17
N ALA A 564 14.79 32.11 -12.77
CA ALA A 564 15.36 33.35 -13.34
C ALA A 564 15.23 34.40 -12.22
N LEU A 565 16.27 35.20 -12.04
CA LEU A 565 16.23 36.23 -11.02
C LEU A 565 16.29 37.58 -11.71
N ALA A 566 15.35 38.45 -11.37
CA ALA A 566 15.29 39.77 -12.00
C ALA A 566 15.02 40.90 -11.01
N THR A 567 15.12 42.13 -11.50
CA THR A 567 14.87 43.26 -10.63
C THR A 567 14.20 44.37 -11.37
N ARG A 568 13.11 44.88 -10.81
CA ARG A 568 12.45 46.01 -11.47
C ARG A 568 13.18 47.23 -10.90
N ASP A 569 13.95 47.91 -11.76
CA ASP A 569 14.71 49.07 -11.34
C ASP A 569 13.84 50.23 -10.83
N THR A 570 12.77 50.53 -11.56
CA THR A 570 11.84 51.59 -11.18
C THR A 570 10.48 50.96 -10.93
N PRO A 571 10.27 50.42 -9.72
CA PRO A 571 9.00 49.79 -9.38
C PRO A 571 7.95 50.85 -9.14
N PRO A 572 6.70 50.60 -9.55
CA PRO A 572 5.64 51.60 -9.34
C PRO A 572 5.65 52.15 -7.92
N LYS A 573 5.17 53.39 -7.78
CA LYS A 573 5.10 54.03 -6.48
C LYS A 573 4.31 53.12 -5.56
N ARG A 574 4.70 53.08 -4.30
CA ARG A 574 4.05 52.23 -3.32
C ARG A 574 2.53 52.47 -3.22
N GLU A 575 2.10 53.74 -3.23
CA GLU A 575 0.68 54.04 -3.12
C GLU A 575 -0.14 53.51 -4.30
N GLU A 576 0.49 53.32 -5.45
CA GLU A 576 -0.24 52.87 -6.63
C GLU A 576 -0.42 51.36 -6.73
N MET A 577 -0.07 50.65 -5.66
CA MET A 577 -0.19 49.20 -5.69
C MET A 577 -1.16 48.67 -4.67
N VAL A 578 -1.99 47.72 -5.13
CA VAL A 578 -2.96 47.08 -4.26
C VAL A 578 -2.43 45.70 -3.97
N LEU A 579 -1.96 45.52 -2.75
CA LEU A 579 -1.38 44.27 -2.30
C LEU A 579 -2.42 43.20 -1.96
N ASP A 580 -3.68 43.48 -2.25
CA ASP A 580 -4.79 42.56 -1.96
C ASP A 580 -5.23 41.67 -3.11
N ASP A 581 -4.98 42.09 -4.35
CA ASP A 581 -5.41 41.30 -5.49
C ASP A 581 -4.25 40.65 -6.19
N SER A 582 -3.95 39.42 -5.80
CA SER A 582 -2.84 38.68 -6.40
C SER A 582 -2.94 38.69 -7.92
N SER A 583 -4.10 39.07 -8.44
CA SER A 583 -4.34 39.10 -9.89
C SER A 583 -3.57 40.23 -10.57
N ARG A 584 -3.08 41.17 -9.76
CA ARG A 584 -2.35 42.30 -10.31
C ARG A 584 -0.84 42.21 -10.10
N PHE A 585 -0.38 41.16 -9.42
CA PHE A 585 1.04 41.00 -9.14
C PHE A 585 1.92 40.88 -10.37
N MET A 586 1.44 40.21 -11.39
CA MET A 586 2.22 40.05 -12.60
C MET A 586 2.48 41.42 -13.24
N GLU A 587 1.44 42.25 -13.30
CA GLU A 587 1.58 43.59 -13.89
C GLU A 587 2.62 44.40 -13.12
N TYR A 588 2.68 44.20 -11.80
CA TYR A 588 3.64 44.91 -10.98
C TYR A 588 5.07 44.40 -11.22
N GLU A 589 5.18 43.13 -11.60
CA GLU A 589 6.47 42.51 -11.88
C GLU A 589 6.75 42.52 -13.36
N THR A 590 6.61 43.66 -14.00
CA THR A 590 6.88 43.75 -15.43
C THR A 590 7.94 44.84 -15.60
N ASP A 591 8.44 44.99 -16.83
CA ASP A 591 9.47 45.97 -17.14
C ASP A 591 10.69 45.67 -16.26
N LEU A 592 10.99 44.39 -16.15
CA LEU A 592 12.09 43.95 -15.32
C LEU A 592 13.47 43.98 -16.01
N THR A 593 14.50 43.84 -15.19
CA THR A 593 15.87 43.78 -15.65
C THR A 593 16.40 42.38 -15.30
N PHE A 594 16.72 41.60 -16.32
CA PHE A 594 17.25 40.24 -16.11
C PHE A 594 18.59 40.30 -15.40
N VAL A 595 18.71 39.57 -14.30
CA VAL A 595 19.97 39.54 -13.56
C VAL A 595 20.70 38.19 -13.69
N GLY A 596 20.00 37.08 -13.45
CA GLY A 596 20.65 35.79 -13.57
C GLY A 596 19.76 34.56 -13.53
N VAL A 597 20.41 33.41 -13.50
CA VAL A 597 19.72 32.14 -13.45
C VAL A 597 20.49 31.22 -12.54
N VAL A 598 19.78 30.57 -11.63
CA VAL A 598 20.38 29.59 -10.72
C VAL A 598 19.70 28.26 -11.08
N GLY A 599 20.49 27.20 -11.15
CA GLY A 599 19.99 25.89 -11.48
C GLY A 599 20.25 25.01 -10.29
N MET A 600 19.22 24.36 -9.78
CA MET A 600 19.38 23.51 -8.63
C MET A 600 19.01 22.08 -8.90
N LEU A 601 19.55 21.21 -8.06
CA LEU A 601 19.30 19.79 -8.20
C LEU A 601 18.68 19.12 -6.98
N ASP A 602 17.71 18.27 -7.26
CA ASP A 602 17.08 17.46 -6.24
C ASP A 602 17.54 16.10 -6.77
N PRO A 603 18.66 15.60 -6.25
CA PRO A 603 19.30 14.33 -6.62
C PRO A 603 18.55 13.03 -6.39
N PRO A 604 18.58 12.13 -7.38
CA PRO A 604 17.92 10.83 -7.27
C PRO A 604 18.50 10.11 -6.07
N ARG A 605 17.74 9.20 -5.47
CA ARG A 605 18.26 8.43 -4.35
C ARG A 605 19.39 7.58 -4.93
N LYS A 606 20.40 7.28 -4.14
CA LYS A 606 21.52 6.48 -4.63
C LYS A 606 21.13 5.04 -5.01
N GLU A 607 20.04 4.53 -4.46
CA GLU A 607 19.61 3.16 -4.76
C GLU A 607 18.56 3.08 -5.87
N VAL A 608 17.98 4.21 -6.23
CA VAL A 608 16.94 4.25 -7.26
C VAL A 608 17.39 3.72 -8.61
N MET A 609 18.61 4.04 -8.99
CA MET A 609 19.16 3.56 -10.27
C MET A 609 19.09 2.03 -10.35
N GLY A 610 19.65 1.37 -9.34
CA GLY A 610 19.64 -0.07 -9.29
C GLY A 610 18.25 -0.67 -9.18
N SER A 611 17.42 -0.09 -8.32
CA SER A 611 16.07 -0.61 -8.16
C SER A 611 15.27 -0.53 -9.45
N ILE A 612 15.44 0.54 -10.21
CA ILE A 612 14.71 0.66 -11.46
C ILE A 612 15.13 -0.47 -12.39
N GLN A 613 16.41 -0.84 -12.34
CA GLN A 613 16.93 -1.91 -13.19
C GLN A 613 16.34 -3.23 -12.73
N LEU A 614 16.28 -3.44 -11.42
CA LEU A 614 15.66 -4.66 -10.93
C LEU A 614 14.27 -4.81 -11.53
N CYS A 615 13.50 -3.72 -11.55
CA CYS A 615 12.16 -3.76 -12.09
C CYS A 615 12.11 -4.20 -13.55
N ARG A 616 13.07 -3.72 -14.34
CA ARG A 616 13.11 -4.09 -15.75
C ARG A 616 13.40 -5.58 -15.82
N ASP A 617 14.25 -6.06 -14.92
CA ASP A 617 14.61 -7.48 -14.89
C ASP A 617 13.43 -8.31 -14.47
N ALA A 618 12.56 -7.73 -13.63
CA ALA A 618 11.38 -8.44 -13.14
C ALA A 618 10.15 -8.24 -14.01
N GLY A 619 10.28 -7.51 -15.11
CA GLY A 619 9.12 -7.29 -15.96
C GLY A 619 8.11 -6.34 -15.31
N ILE A 620 8.56 -5.56 -14.34
CA ILE A 620 7.70 -4.60 -13.66
C ILE A 620 7.85 -3.20 -14.25
N ARG A 621 6.77 -2.65 -14.81
CA ARG A 621 6.82 -1.31 -15.40
C ARG A 621 6.85 -0.23 -14.30
N VAL A 622 7.59 0.84 -14.56
CA VAL A 622 7.70 1.93 -13.60
C VAL A 622 7.25 3.26 -14.22
N ILE A 623 6.27 3.89 -13.57
CA ILE A 623 5.73 5.18 -14.03
C ILE A 623 6.06 6.24 -12.98
N MET A 624 6.64 7.34 -13.43
CA MET A 624 6.97 8.42 -12.53
C MET A 624 5.89 9.51 -12.62
N ILE A 625 5.46 10.00 -11.46
CA ILE A 625 4.48 11.08 -11.40
C ILE A 625 5.25 12.25 -10.78
N THR A 626 5.33 13.37 -11.49
CA THR A 626 6.06 14.52 -10.99
C THR A 626 5.41 15.86 -11.28
N GLY A 627 5.84 16.88 -10.54
CA GLY A 627 5.31 18.22 -10.73
C GLY A 627 6.22 19.01 -11.66
N ASP A 628 7.31 18.38 -12.10
CA ASP A 628 8.26 19.01 -13.02
C ASP A 628 7.56 19.22 -14.36
N ASN A 629 8.02 20.20 -15.14
CA ASN A 629 7.39 20.37 -16.43
C ASN A 629 7.79 19.11 -17.20
N LYS A 630 7.13 18.87 -18.35
CA LYS A 630 7.37 17.70 -19.16
C LYS A 630 8.84 17.47 -19.50
N GLY A 631 9.48 18.48 -20.08
CA GLY A 631 10.88 18.39 -20.47
C GLY A 631 11.82 17.88 -19.40
N THR A 632 11.80 18.52 -18.23
CA THR A 632 12.66 18.11 -17.14
C THR A 632 12.23 16.74 -16.62
N ALA A 633 10.92 16.47 -16.68
CA ALA A 633 10.41 15.17 -16.24
C ALA A 633 11.04 14.07 -17.09
N ILE A 634 11.05 14.27 -18.40
CA ILE A 634 11.62 13.29 -19.33
C ILE A 634 13.11 13.16 -19.07
N ALA A 635 13.78 14.30 -18.90
CA ALA A 635 15.20 14.32 -18.63
C ALA A 635 15.55 13.51 -17.39
N ILE A 636 14.73 13.65 -16.36
CA ILE A 636 14.97 12.92 -15.13
C ILE A 636 14.71 11.44 -15.34
N CYS A 637 13.66 11.11 -16.09
CA CYS A 637 13.34 9.72 -16.37
C CYS A 637 14.52 9.08 -17.09
N ARG A 638 15.14 9.82 -18.02
CA ARG A 638 16.30 9.29 -18.73
C ARG A 638 17.43 9.08 -17.72
N ARG A 639 17.63 10.07 -16.86
CA ARG A 639 18.71 10.00 -15.87
C ARG A 639 18.69 8.82 -14.93
N ILE A 640 17.51 8.45 -14.46
CA ILE A 640 17.41 7.34 -13.52
C ILE A 640 17.19 5.97 -14.15
N GLY A 641 16.99 5.92 -15.45
CA GLY A 641 16.80 4.64 -16.10
C GLY A 641 15.40 4.29 -16.58
N ILE A 642 14.41 5.14 -16.31
CA ILE A 642 13.06 4.84 -16.75
C ILE A 642 13.02 4.82 -18.27
N PHE A 643 13.65 5.81 -18.89
CA PHE A 643 13.74 5.88 -20.35
C PHE A 643 15.19 5.71 -20.74
N GLY A 644 15.42 5.26 -21.97
CA GLY A 644 16.77 5.11 -22.45
C GLY A 644 17.28 6.51 -22.77
N GLU A 645 18.57 6.72 -22.58
CA GLU A 645 19.19 8.02 -22.81
C GLU A 645 18.81 8.66 -24.14
N ASN A 646 18.66 7.85 -25.19
CA ASN A 646 18.33 8.38 -26.49
C ASN A 646 17.13 7.69 -27.14
N GLU A 647 16.16 7.25 -26.34
CA GLU A 647 15.01 6.58 -26.93
C GLU A 647 13.84 7.52 -27.10
N GLU A 648 12.97 7.19 -28.05
CA GLU A 648 11.79 8.02 -28.32
C GLU A 648 10.77 7.84 -27.23
N VAL A 649 10.22 8.95 -26.73
CA VAL A 649 9.24 8.89 -25.66
C VAL A 649 8.03 9.78 -25.93
N ALA A 650 7.97 10.38 -27.11
CA ALA A 650 6.87 11.26 -27.46
C ALA A 650 5.50 10.74 -27.02
N ASP A 651 5.28 9.45 -27.22
CA ASP A 651 4.02 8.80 -26.88
C ASP A 651 4.07 8.05 -25.55
N ARG A 652 5.10 8.31 -24.74
CA ARG A 652 5.22 7.64 -23.45
C ARG A 652 5.34 8.60 -22.27
N ALA A 653 4.95 9.85 -22.48
CA ALA A 653 5.01 10.86 -21.43
C ALA A 653 4.00 11.95 -21.71
N TYR A 654 3.18 12.25 -20.71
CA TYR A 654 2.14 13.27 -20.86
C TYR A 654 2.06 14.19 -19.65
N THR A 655 1.56 15.39 -19.89
CA THR A 655 1.34 16.34 -18.80
C THR A 655 -0.13 16.08 -18.53
N GLY A 656 -0.66 16.62 -17.45
CA GLY A 656 -2.06 16.42 -17.14
C GLY A 656 -2.94 17.02 -18.24
N ARG A 657 -2.55 18.20 -18.71
CA ARG A 657 -3.29 18.90 -19.75
C ARG A 657 -3.39 18.04 -21.01
N GLU A 658 -2.25 17.62 -21.54
CA GLU A 658 -2.24 16.78 -22.73
C GLU A 658 -3.14 15.56 -22.58
N PHE A 659 -3.07 14.93 -21.40
CA PHE A 659 -3.85 13.74 -21.12
C PHE A 659 -5.36 14.01 -21.12
N ASP A 660 -5.77 15.14 -20.54
CA ASP A 660 -7.19 15.49 -20.49
C ASP A 660 -7.74 15.74 -21.90
N ASP A 661 -6.88 16.23 -22.79
CA ASP A 661 -7.30 16.53 -24.16
C ASP A 661 -7.48 15.29 -25.02
N LEU A 662 -6.94 14.16 -24.56
CA LEU A 662 -7.12 12.93 -25.32
C LEU A 662 -8.50 12.38 -25.03
N PRO A 663 -9.12 11.73 -26.02
CA PRO A 663 -10.46 11.15 -25.83
C PRO A 663 -10.30 9.88 -24.97
N LEU A 664 -11.32 9.59 -24.16
CA LEU A 664 -11.28 8.45 -23.26
C LEU A 664 -10.62 7.17 -23.81
N ALA A 665 -10.84 6.89 -25.08
CA ALA A 665 -10.26 5.71 -25.70
C ALA A 665 -8.73 5.80 -25.76
N GLU A 666 -8.25 6.99 -26.11
CA GLU A 666 -6.82 7.23 -26.23
C GLU A 666 -6.08 7.35 -24.90
N GLN A 667 -6.80 7.76 -23.85
CA GLN A 667 -6.17 7.89 -22.54
C GLN A 667 -5.86 6.50 -22.05
N ARG A 668 -6.80 5.59 -22.29
CA ARG A 668 -6.64 4.21 -21.87
C ARG A 668 -5.40 3.65 -22.53
N GLU A 669 -5.25 3.90 -23.82
CA GLU A 669 -4.10 3.42 -24.56
C GLU A 669 -2.80 4.03 -24.03
N ALA A 670 -2.79 5.36 -23.85
CA ALA A 670 -1.62 6.05 -23.35
C ALA A 670 -1.13 5.48 -22.03
N CYS A 671 -2.04 5.02 -21.19
CA CYS A 671 -1.68 4.47 -19.89
C CYS A 671 -0.95 3.14 -19.97
N ARG A 672 -1.16 2.38 -21.02
CA ARG A 672 -0.49 1.09 -21.11
C ARG A 672 0.95 1.22 -21.53
N ARG A 673 1.31 2.33 -22.16
CA ARG A 673 2.69 2.53 -22.60
C ARG A 673 3.48 3.64 -21.89
N ALA A 674 2.77 4.54 -21.23
CA ALA A 674 3.41 5.67 -20.55
C ALA A 674 4.22 5.34 -19.29
N CYS A 675 5.29 6.09 -19.08
CA CYS A 675 6.13 5.90 -17.91
C CYS A 675 6.39 7.22 -17.22
N CYS A 676 5.85 8.28 -17.79
CA CYS A 676 6.05 9.61 -17.23
C CYS A 676 4.80 10.50 -17.31
N PHE A 677 4.37 10.98 -16.15
CA PHE A 677 3.21 11.87 -16.04
C PHE A 677 3.65 13.09 -15.27
N ALA A 678 3.62 14.22 -15.97
CA ALA A 678 4.03 15.49 -15.38
C ALA A 678 2.84 16.43 -15.21
N ARG A 679 2.94 17.35 -14.26
CA ARG A 679 1.87 18.32 -14.00
C ARG A 679 0.54 17.60 -14.09
N VAL A 680 0.32 16.67 -13.17
CA VAL A 680 -0.90 15.88 -13.19
C VAL A 680 -1.99 16.39 -12.25
N GLU A 681 -3.22 16.37 -12.75
CA GLU A 681 -4.38 16.84 -12.00
C GLU A 681 -4.70 15.95 -10.79
N PRO A 682 -5.50 16.47 -9.85
CA PRO A 682 -5.88 15.73 -8.63
C PRO A 682 -6.70 14.44 -8.85
N SER A 683 -7.35 14.32 -10.00
CA SER A 683 -8.16 13.15 -10.29
C SER A 683 -7.44 12.13 -11.16
N HIS A 684 -6.32 12.55 -11.74
CA HIS A 684 -5.56 11.68 -12.62
C HIS A 684 -4.98 10.38 -12.08
N LYS A 685 -4.50 10.37 -10.83
CA LYS A 685 -3.96 9.14 -10.27
C LYS A 685 -5.03 8.08 -10.28
N SER A 686 -6.25 8.45 -9.88
CA SER A 686 -7.37 7.52 -9.85
C SER A 686 -7.71 7.00 -11.24
N LYS A 687 -7.78 7.90 -12.22
CA LYS A 687 -8.09 7.50 -13.59
C LYS A 687 -6.97 6.64 -14.16
N ILE A 688 -5.73 6.94 -13.79
CA ILE A 688 -4.61 6.16 -14.28
C ILE A 688 -4.70 4.74 -13.71
N VAL A 689 -5.13 4.61 -12.46
CA VAL A 689 -5.27 3.30 -11.86
C VAL A 689 -6.43 2.53 -12.50
N GLU A 690 -7.48 3.25 -12.88
CA GLU A 690 -8.61 2.60 -13.52
C GLU A 690 -8.19 2.00 -14.86
N TYR A 691 -7.54 2.82 -15.69
CA TYR A 691 -7.08 2.38 -17.01
C TYR A 691 -6.11 1.22 -16.91
N LEU A 692 -5.18 1.31 -15.96
CA LEU A 692 -4.20 0.27 -15.77
C LEU A 692 -4.91 -1.06 -15.41
N GLN A 693 -5.97 -0.96 -14.61
CA GLN A 693 -6.70 -2.15 -14.20
C GLN A 693 -7.54 -2.74 -15.33
N SER A 694 -7.84 -1.92 -16.35
CA SER A 694 -8.61 -2.40 -17.49
C SER A 694 -7.70 -3.22 -18.41
N TYR A 695 -6.49 -3.49 -17.91
CA TYR A 695 -5.53 -4.30 -18.65
C TYR A 695 -5.09 -5.41 -17.71
N ASP A 696 -5.82 -5.53 -16.60
CA ASP A 696 -5.55 -6.54 -15.59
C ASP A 696 -4.14 -6.44 -15.00
N GLU A 697 -3.68 -5.21 -14.81
CA GLU A 697 -2.38 -4.93 -14.21
C GLU A 697 -2.54 -4.86 -12.68
N ILE A 698 -1.57 -5.39 -11.93
CA ILE A 698 -1.62 -5.27 -10.47
C ILE A 698 -0.81 -4.00 -10.23
N THR A 699 -1.51 -2.93 -9.86
CA THR A 699 -0.88 -1.63 -9.66
C THR A 699 -0.58 -1.18 -8.24
N ALA A 700 0.61 -0.64 -8.07
CA ALA A 700 1.05 -0.08 -6.79
C ALA A 700 1.12 1.41 -7.11
N MET A 701 0.58 2.23 -6.22
CA MET A 701 0.56 3.69 -6.40
C MET A 701 0.95 4.32 -5.07
N THR A 702 1.78 5.35 -5.09
CA THR A 702 2.19 6.03 -3.86
C THR A 702 1.36 7.29 -3.63
N GLY A 703 1.30 7.75 -2.38
CA GLY A 703 0.52 8.94 -2.06
C GLY A 703 0.74 9.34 -0.62
N ASP A 704 0.28 10.52 -0.19
CA ASP A 704 0.51 10.92 1.20
C ASP A 704 -0.55 11.76 1.92
N GLY A 705 -1.37 12.51 1.16
CA GLY A 705 -2.39 13.34 1.77
C GLY A 705 -3.80 12.81 1.51
N VAL A 706 -4.80 13.27 2.25
CA VAL A 706 -6.15 12.79 2.04
C VAL A 706 -6.59 12.83 0.58
N ASN A 707 -5.99 13.71 -0.21
CA ASN A 707 -6.35 13.79 -1.63
C ASN A 707 -5.86 12.59 -2.44
N ASP A 708 -4.88 11.86 -1.92
CA ASP A 708 -4.37 10.68 -2.61
C ASP A 708 -5.08 9.44 -2.10
N ALA A 709 -5.89 9.62 -1.06
CA ALA A 709 -6.61 8.52 -0.45
C ALA A 709 -7.44 7.67 -1.43
N PRO A 710 -8.15 8.30 -2.38
CA PRO A 710 -8.95 7.50 -3.33
C PRO A 710 -8.07 6.60 -4.20
N ALA A 711 -7.06 7.16 -4.84
CA ALA A 711 -6.19 6.38 -5.72
C ALA A 711 -5.47 5.29 -4.92
N LEU A 712 -5.10 5.60 -3.68
CA LEU A 712 -4.44 4.64 -2.81
C LEU A 712 -5.35 3.45 -2.53
N LYS A 713 -6.60 3.74 -2.25
CA LYS A 713 -7.58 2.71 -1.95
C LYS A 713 -7.88 1.88 -3.20
N LYS A 714 -7.96 2.55 -4.33
CA LYS A 714 -8.26 1.85 -5.56
C LYS A 714 -7.12 0.91 -6.00
N ALA A 715 -5.90 1.41 -6.06
CA ALA A 715 -4.75 0.60 -6.47
C ALA A 715 -4.69 -0.73 -5.73
N GLU A 716 -4.20 -1.77 -6.39
CA GLU A 716 -4.10 -3.07 -5.75
C GLU A 716 -3.19 -2.93 -4.54
N ILE A 717 -2.15 -2.11 -4.67
CA ILE A 717 -1.26 -1.89 -3.55
C ILE A 717 -1.01 -0.43 -3.36
N GLY A 718 -1.80 0.21 -2.50
CA GLY A 718 -1.60 1.61 -2.25
C GLY A 718 -0.38 1.74 -1.36
N ILE A 719 0.49 2.69 -1.67
CA ILE A 719 1.70 2.86 -0.88
C ILE A 719 1.81 4.27 -0.28
N ALA A 720 1.82 4.33 1.04
CA ALA A 720 1.87 5.62 1.74
C ALA A 720 3.23 5.91 2.32
N MET A 721 3.55 7.20 2.42
CA MET A 721 4.82 7.64 2.98
C MET A 721 4.77 7.56 4.50
N GLY A 722 5.87 7.10 5.10
CA GLY A 722 5.91 7.01 6.56
C GLY A 722 5.80 8.42 7.14
N SER A 723 6.22 9.40 6.35
CA SER A 723 6.17 10.78 6.79
C SER A 723 4.90 11.46 6.28
N GLY A 724 3.96 10.67 5.78
CA GLY A 724 2.72 11.23 5.26
C GLY A 724 1.62 11.29 6.31
N THR A 725 0.40 11.62 5.87
CA THR A 725 -0.73 11.74 6.78
C THR A 725 -1.24 10.40 7.25
N ALA A 726 -1.91 10.40 8.40
CA ALA A 726 -2.45 9.16 8.95
C ALA A 726 -3.55 8.59 8.07
N VAL A 727 -4.27 9.47 7.36
CA VAL A 727 -5.33 9.00 6.49
C VAL A 727 -4.76 8.26 5.28
N ALA A 728 -3.77 8.84 4.61
CA ALA A 728 -3.17 8.16 3.48
C ALA A 728 -2.70 6.74 3.92
N LYS A 729 -2.06 6.66 5.08
CA LYS A 729 -1.56 5.40 5.61
C LYS A 729 -2.67 4.37 5.79
N THR A 730 -3.76 4.79 6.42
CA THR A 730 -4.86 3.89 6.68
C THR A 730 -5.54 3.47 5.39
N ALA A 731 -5.31 4.20 4.31
CA ALA A 731 -5.94 3.84 3.04
C ALA A 731 -5.01 2.97 2.19
N SER A 732 -3.77 2.80 2.65
CA SER A 732 -2.78 2.02 1.90
C SER A 732 -2.56 0.59 2.39
N GLU A 733 -2.01 -0.25 1.53
CA GLU A 733 -1.71 -1.62 1.94
C GLU A 733 -0.34 -1.65 2.57
N MET A 734 0.49 -0.67 2.22
CA MET A 734 1.85 -0.59 2.73
C MET A 734 2.33 0.84 2.97
N VAL A 735 3.20 1.00 3.97
CA VAL A 735 3.79 2.27 4.33
C VAL A 735 5.33 2.19 4.24
N LEU A 736 5.95 3.16 3.59
CA LEU A 736 7.41 3.17 3.49
C LEU A 736 7.95 3.97 4.67
N ALA A 737 8.51 3.27 5.65
CA ALA A 737 9.05 3.96 6.82
C ALA A 737 10.09 4.98 6.41
N ASP A 738 10.76 4.73 5.29
CA ASP A 738 11.79 5.63 4.82
C ASP A 738 11.40 6.43 3.57
N ASP A 739 10.18 6.21 3.09
CA ASP A 739 9.68 6.92 1.89
C ASP A 739 10.45 6.61 0.61
N ASN A 740 11.43 5.71 0.69
CA ASN A 740 12.29 5.34 -0.43
C ASN A 740 11.70 4.40 -1.49
N PHE A 741 11.73 4.84 -2.75
CA PHE A 741 11.23 4.01 -3.84
C PHE A 741 11.77 2.59 -3.78
N SER A 742 13.07 2.45 -3.53
CA SER A 742 13.70 1.11 -3.50
C SER A 742 13.12 0.18 -2.43
N THR A 743 12.38 0.73 -1.48
CA THR A 743 11.77 -0.09 -0.43
C THR A 743 10.59 -0.82 -1.07
N ILE A 744 10.01 -0.24 -2.11
CA ILE A 744 8.89 -0.87 -2.78
C ILE A 744 9.39 -2.12 -3.50
N VAL A 745 10.44 -1.92 -4.29
CA VAL A 745 11.04 -3.01 -5.05
C VAL A 745 11.48 -4.14 -4.13
N ALA A 746 12.11 -3.82 -3.01
CA ALA A 746 12.55 -4.85 -2.08
C ALA A 746 11.36 -5.58 -1.47
N ALA A 747 10.23 -4.88 -1.29
CA ALA A 747 9.05 -5.51 -0.74
C ALA A 747 8.46 -6.45 -1.79
N VAL A 748 8.49 -6.03 -3.05
CA VAL A 748 7.98 -6.86 -4.14
C VAL A 748 8.74 -8.18 -4.20
N GLU A 749 10.07 -8.10 -4.14
CA GLU A 749 10.88 -9.31 -4.19
C GLU A 749 10.53 -10.21 -3.01
N GLU A 750 10.48 -9.61 -1.82
CA GLU A 750 10.14 -10.36 -0.61
C GLU A 750 8.77 -11.02 -0.84
N GLY A 751 7.91 -10.31 -1.55
CA GLY A 751 6.58 -10.84 -1.84
C GLY A 751 6.60 -12.03 -2.77
N ARG A 752 7.50 -12.01 -3.74
CA ARG A 752 7.61 -13.11 -4.67
C ARG A 752 8.11 -14.37 -3.94
N ALA A 753 9.03 -14.17 -3.00
CA ALA A 753 9.62 -15.25 -2.23
C ALA A 753 8.64 -15.91 -1.28
N ILE A 754 7.89 -15.07 -0.55
CA ILE A 754 6.91 -15.57 0.40
C ILE A 754 5.90 -16.47 -0.31
N TYR A 755 5.38 -16.01 -1.44
CA TYR A 755 4.38 -16.78 -2.19
C TYR A 755 4.87 -18.13 -2.71
N ASN A 756 6.09 -18.18 -3.25
CA ASN A 756 6.60 -19.45 -3.76
C ASN A 756 6.56 -20.47 -2.64
N ASN A 757 7.06 -20.07 -1.47
CA ASN A 757 7.05 -20.98 -0.34
C ASN A 757 5.61 -21.31 0.06
N MET A 758 4.71 -20.32 -0.06
CA MET A 758 3.32 -20.57 0.29
C MET A 758 2.74 -21.57 -0.69
N LYS A 759 3.11 -21.44 -1.96
CA LYS A 759 2.60 -22.37 -2.98
C LYS A 759 2.98 -23.78 -2.58
N GLN A 760 4.13 -23.92 -1.93
CA GLN A 760 4.58 -25.24 -1.54
C GLN A 760 3.81 -25.82 -0.36
N PHE A 761 3.75 -25.10 0.76
CA PHE A 761 3.05 -25.67 1.91
C PHE A 761 1.57 -25.76 1.67
N ILE A 762 1.06 -25.03 0.68
CA ILE A 762 -0.36 -25.10 0.39
C ILE A 762 -0.61 -26.41 -0.37
N ARG A 763 0.21 -26.68 -1.37
CA ARG A 763 0.03 -27.91 -2.12
C ARG A 763 0.29 -29.13 -1.22
N TYR A 764 1.22 -28.97 -0.29
CA TYR A 764 1.57 -30.01 0.67
C TYR A 764 0.35 -30.39 1.48
N LEU A 765 -0.28 -29.39 2.08
CA LEU A 765 -1.45 -29.63 2.91
C LEU A 765 -2.64 -30.15 2.13
N ILE A 766 -2.98 -29.50 1.03
CA ILE A 766 -4.12 -29.95 0.24
C ILE A 766 -3.86 -31.35 -0.28
N SER A 767 -2.60 -31.65 -0.52
CA SER A 767 -2.19 -32.96 -1.01
C SER A 767 -2.62 -34.05 -0.01
N SER A 768 -2.28 -33.83 1.26
CA SER A 768 -2.64 -34.78 2.31
C SER A 768 -4.14 -34.97 2.45
N ASN A 769 -4.91 -33.90 2.23
CA ASN A 769 -6.37 -34.02 2.33
C ASN A 769 -6.87 -34.93 1.24
N VAL A 770 -6.19 -34.91 0.10
CA VAL A 770 -6.57 -35.75 -1.02
C VAL A 770 -6.42 -37.22 -0.63
N GLY A 771 -5.31 -37.56 0.03
CA GLY A 771 -5.09 -38.93 0.46
C GLY A 771 -6.09 -39.36 1.50
N GLU A 772 -6.38 -38.47 2.44
CA GLU A 772 -7.34 -38.76 3.49
C GLU A 772 -8.72 -39.10 2.93
N VAL A 773 -9.14 -38.37 1.90
CA VAL A 773 -10.45 -38.63 1.31
C VAL A 773 -10.46 -39.97 0.62
N VAL A 774 -9.35 -40.33 -0.03
CA VAL A 774 -9.28 -41.60 -0.72
C VAL A 774 -9.37 -42.72 0.31
N CYS A 775 -8.68 -42.52 1.43
CA CYS A 775 -8.70 -43.51 2.50
C CYS A 775 -10.12 -43.70 3.02
N ILE A 776 -10.83 -42.61 3.27
CA ILE A 776 -12.19 -42.66 3.77
C ILE A 776 -13.10 -43.21 2.69
N PHE A 777 -12.75 -42.95 1.43
CA PHE A 777 -13.56 -43.45 0.33
C PHE A 777 -13.36 -44.95 0.16
N LEU A 778 -12.10 -45.36 0.04
CA LEU A 778 -11.78 -46.77 -0.13
C LEU A 778 -12.44 -47.61 0.95
N THR A 779 -12.36 -47.13 2.18
CA THR A 779 -12.95 -47.83 3.31
C THR A 779 -14.47 -47.88 3.16
N ALA A 780 -15.07 -46.78 2.73
CA ALA A 780 -16.52 -46.72 2.57
C ALA A 780 -17.01 -47.59 1.42
N ALA A 781 -16.23 -47.68 0.36
CA ALA A 781 -16.59 -48.49 -0.80
C ALA A 781 -16.52 -49.97 -0.45
N LEU A 782 -15.39 -50.38 0.12
CA LEU A 782 -15.18 -51.77 0.51
C LEU A 782 -15.90 -52.17 1.79
N GLY A 783 -16.67 -51.24 2.37
CA GLY A 783 -17.40 -51.53 3.60
C GLY A 783 -16.52 -51.96 4.76
N LEU A 784 -15.29 -51.46 4.80
CA LEU A 784 -14.32 -51.81 5.84
C LEU A 784 -14.44 -50.99 7.12
N PRO A 785 -13.87 -51.49 8.22
CA PRO A 785 -13.92 -50.76 9.49
C PRO A 785 -13.12 -49.48 9.30
N GLU A 786 -13.59 -48.38 9.87
CA GLU A 786 -12.89 -47.11 9.73
C GLU A 786 -11.41 -47.21 10.14
N ALA A 787 -10.53 -46.81 9.22
CA ALA A 787 -9.11 -46.85 9.46
C ALA A 787 -8.67 -45.59 10.21
N LEU A 788 -9.27 -44.45 9.85
CA LEU A 788 -8.94 -43.18 10.48
C LEU A 788 -10.21 -42.47 10.94
N ILE A 789 -10.19 -41.96 12.16
CA ILE A 789 -11.35 -41.25 12.69
C ILE A 789 -11.09 -39.74 12.79
N PRO A 790 -12.17 -38.94 12.78
CA PRO A 790 -12.21 -37.48 12.84
C PRO A 790 -11.21 -36.80 13.77
N VAL A 791 -11.10 -37.28 15.00
CA VAL A 791 -10.17 -36.69 15.94
C VAL A 791 -8.74 -36.86 15.48
N GLN A 792 -8.43 -38.01 14.87
CA GLN A 792 -7.08 -38.28 14.40
C GLN A 792 -6.76 -37.39 13.20
N LEU A 793 -7.68 -37.32 12.26
CA LEU A 793 -7.46 -36.51 11.07
C LEU A 793 -7.18 -35.07 11.49
N LEU A 794 -8.05 -34.52 12.33
CA LEU A 794 -7.90 -33.16 12.83
C LEU A 794 -6.54 -32.91 13.49
N TRP A 795 -6.07 -33.86 14.29
CA TRP A 795 -4.77 -33.69 14.93
C TRP A 795 -3.69 -33.64 13.84
N VAL A 796 -3.89 -34.44 12.80
CA VAL A 796 -2.96 -34.49 11.69
C VAL A 796 -2.97 -33.18 10.89
N ASN A 797 -4.15 -32.69 10.56
CA ASN A 797 -4.27 -31.48 9.77
C ASN A 797 -3.98 -30.19 10.54
N LEU A 798 -3.98 -30.28 11.87
CA LEU A 798 -3.72 -29.07 12.66
C LEU A 798 -2.34 -29.04 13.24
N VAL A 799 -1.94 -30.14 13.87
CA VAL A 799 -0.62 -30.21 14.51
C VAL A 799 0.44 -30.93 13.67
N THR A 800 0.33 -32.25 13.56
CA THR A 800 1.29 -33.05 12.81
C THR A 800 1.79 -32.45 11.49
N ASP A 801 0.87 -32.03 10.62
CA ASP A 801 1.24 -31.44 9.33
C ASP A 801 1.46 -29.93 9.36
N GLY A 802 0.89 -29.27 10.37
CA GLY A 802 1.03 -27.83 10.49
C GLY A 802 2.48 -27.41 10.67
N LEU A 803 3.23 -28.17 11.47
CA LEU A 803 4.62 -27.83 11.69
C LEU A 803 5.44 -27.85 10.40
N PRO A 804 5.48 -28.99 9.70
CA PRO A 804 6.22 -29.09 8.44
C PRO A 804 5.79 -28.01 7.46
N ALA A 805 4.48 -27.83 7.35
CA ALA A 805 3.89 -26.83 6.46
C ALA A 805 4.50 -25.45 6.74
N THR A 806 4.48 -25.06 8.01
CA THR A 806 5.05 -23.79 8.41
C THR A 806 6.55 -23.75 8.06
N ALA A 807 7.26 -24.83 8.37
CA ALA A 807 8.69 -24.90 8.07
C ALA A 807 8.93 -24.66 6.59
N LEU A 808 8.11 -25.26 5.74
CA LEU A 808 8.23 -25.07 4.30
C LEU A 808 8.19 -23.59 3.95
N GLY A 809 7.51 -22.81 4.79
CA GLY A 809 7.40 -21.39 4.56
C GLY A 809 8.77 -20.75 4.56
N PHE A 810 9.73 -21.43 5.19
CA PHE A 810 11.09 -20.90 5.25
C PHE A 810 12.03 -21.52 4.22
N ASN A 811 11.45 -22.10 3.16
CA ASN A 811 12.22 -22.69 2.07
C ASN A 811 13.09 -21.60 1.43
N PRO A 812 14.38 -21.88 1.21
CA PRO A 812 15.25 -20.87 0.59
C PRO A 812 14.67 -20.41 -0.76
N PRO A 813 14.82 -19.12 -1.08
CA PRO A 813 14.30 -18.56 -2.33
C PRO A 813 15.18 -18.82 -3.55
N ASP A 814 14.56 -19.00 -4.71
CA ASP A 814 15.30 -19.21 -5.94
C ASP A 814 16.17 -17.98 -6.15
N LEU A 815 17.22 -18.12 -6.95
CA LEU A 815 18.14 -17.02 -7.23
C LEU A 815 17.67 -16.12 -8.37
N ASP A 816 16.75 -16.61 -9.18
CA ASP A 816 16.22 -15.85 -10.31
C ASP A 816 14.84 -15.30 -10.01
N ILE A 817 14.58 -15.02 -8.73
CA ILE A 817 13.30 -14.46 -8.29
C ILE A 817 12.94 -13.22 -9.08
N MET A 818 13.85 -12.24 -9.11
CA MET A 818 13.59 -10.99 -9.83
C MET A 818 13.98 -11.00 -11.30
N ASP A 819 14.34 -12.16 -11.82
CA ASP A 819 14.70 -12.26 -13.22
C ASP A 819 13.54 -12.84 -14.01
N ARG A 820 12.38 -12.95 -13.37
CA ARG A 820 11.19 -13.51 -14.01
C ARG A 820 10.06 -12.47 -14.03
N PRO A 821 9.20 -12.52 -15.07
CA PRO A 821 8.08 -11.57 -15.19
C PRO A 821 7.08 -11.73 -14.04
N PRO A 822 6.17 -10.76 -13.89
CA PRO A 822 5.18 -10.88 -12.83
C PRO A 822 4.35 -12.13 -13.02
N ARG A 823 4.05 -12.81 -11.92
CA ARG A 823 3.24 -14.02 -11.96
C ARG A 823 1.80 -13.61 -12.31
N SER A 824 1.17 -14.36 -13.22
CA SER A 824 -0.20 -14.07 -13.59
C SER A 824 -1.15 -14.43 -12.46
N PRO A 825 -2.06 -13.50 -12.11
CA PRO A 825 -3.03 -13.70 -11.03
C PRO A 825 -3.85 -14.97 -11.24
N LYS A 826 -4.20 -15.25 -12.49
CA LYS A 826 -4.99 -16.42 -12.85
C LYS A 826 -4.24 -17.74 -12.72
N GLU A 827 -2.95 -17.68 -12.48
CA GLU A 827 -2.15 -18.89 -12.36
C GLU A 827 -2.64 -19.84 -11.27
N PRO A 828 -3.18 -21.01 -11.65
CA PRO A 828 -3.66 -21.94 -10.64
C PRO A 828 -2.50 -22.51 -9.84
N LEU A 829 -2.80 -22.94 -8.61
CA LEU A 829 -1.77 -23.52 -7.76
C LEU A 829 -1.46 -24.94 -8.18
N ILE A 830 -2.48 -25.65 -8.64
CA ILE A 830 -2.32 -27.04 -9.04
C ILE A 830 -3.09 -27.36 -10.33
N SER A 831 -2.37 -27.90 -11.30
CA SER A 831 -2.96 -28.27 -12.59
C SER A 831 -1.96 -29.08 -13.42
N GLY A 832 -2.42 -29.59 -14.56
CA GLY A 832 -1.55 -30.35 -15.42
C GLY A 832 -0.84 -31.54 -14.79
N TRP A 833 0.44 -31.70 -15.09
CA TRP A 833 1.20 -32.83 -14.55
C TRP A 833 1.19 -32.85 -13.03
N LEU A 834 1.19 -31.68 -12.41
CA LEU A 834 1.19 -31.60 -10.95
C LEU A 834 -0.13 -32.17 -10.40
N PHE A 835 -1.22 -31.95 -11.13
CA PHE A 835 -2.53 -32.46 -10.71
C PHE A 835 -2.50 -33.98 -10.73
N PHE A 836 -1.80 -34.52 -11.73
CA PHE A 836 -1.67 -35.96 -11.86
C PHE A 836 -0.83 -36.49 -10.70
N ARG A 837 0.29 -35.83 -10.44
CA ARG A 837 1.20 -36.23 -9.36
C ARG A 837 0.47 -36.37 -8.02
N TYR A 838 -0.36 -35.38 -7.69
CA TYR A 838 -1.10 -35.41 -6.43
C TYR A 838 -2.29 -36.36 -6.51
N MET A 839 -2.68 -36.70 -7.74
CA MET A 839 -3.76 -37.63 -7.98
C MET A 839 -3.14 -38.97 -7.56
N ALA A 840 -1.94 -39.23 -8.07
CA ALA A 840 -1.21 -40.45 -7.77
C ALA A 840 -0.83 -40.56 -6.30
N ILE A 841 -0.18 -39.53 -5.76
CA ILE A 841 0.21 -39.55 -4.35
C ILE A 841 -1.02 -39.81 -3.48
N GLY A 842 -2.15 -39.22 -3.87
CA GLY A 842 -3.38 -39.39 -3.12
C GLY A 842 -3.90 -40.82 -3.13
N GLY A 843 -3.91 -41.43 -4.31
CA GLY A 843 -4.36 -42.80 -4.43
C GLY A 843 -3.43 -43.63 -3.57
N TYR A 844 -2.14 -43.38 -3.73
CA TYR A 844 -1.13 -44.11 -2.98
C TYR A 844 -1.42 -44.03 -1.48
N VAL A 845 -1.54 -42.80 -0.97
CA VAL A 845 -1.81 -42.62 0.46
C VAL A 845 -3.12 -43.28 0.90
N GLY A 846 -4.14 -43.22 0.05
CA GLY A 846 -5.41 -43.81 0.38
C GLY A 846 -5.33 -45.32 0.53
N ALA A 847 -4.63 -45.96 -0.40
CA ALA A 847 -4.47 -47.40 -0.36
C ALA A 847 -3.54 -47.80 0.78
N ALA A 848 -2.46 -47.04 0.97
CA ALA A 848 -1.50 -47.34 2.01
C ALA A 848 -2.06 -47.34 3.43
N THR A 849 -2.99 -46.43 3.71
CA THR A 849 -3.56 -46.37 5.06
C THR A 849 -4.66 -47.40 5.25
N VAL A 850 -5.44 -47.63 4.21
CA VAL A 850 -6.52 -48.61 4.29
C VAL A 850 -5.85 -49.99 4.38
N GLY A 851 -4.82 -50.18 3.56
CA GLY A 851 -4.10 -51.43 3.54
C GLY A 851 -3.36 -51.68 4.84
N ALA A 852 -2.90 -50.62 5.50
CA ALA A 852 -2.16 -50.76 6.74
C ALA A 852 -3.06 -51.28 7.86
N ALA A 853 -4.29 -50.76 7.96
CA ALA A 853 -5.21 -51.21 8.99
C ALA A 853 -5.64 -52.62 8.62
N ALA A 854 -5.99 -52.81 7.34
CA ALA A 854 -6.42 -54.11 6.83
C ALA A 854 -5.37 -55.18 7.13
N TRP A 855 -4.10 -54.79 7.03
CA TRP A 855 -2.98 -55.69 7.30
C TRP A 855 -3.06 -56.25 8.72
N TRP A 856 -3.17 -55.35 9.69
CA TRP A 856 -3.26 -55.76 11.07
C TRP A 856 -4.44 -56.71 11.26
N PHE A 857 -5.60 -56.31 10.75
CA PHE A 857 -6.80 -57.13 10.85
C PHE A 857 -6.61 -58.50 10.22
N MET A 858 -5.49 -58.72 9.54
CA MET A 858 -5.26 -60.00 8.90
C MET A 858 -3.87 -60.60 9.13
N TYR A 859 -3.03 -60.52 8.11
CA TYR A 859 -1.67 -61.06 8.13
C TYR A 859 -0.79 -60.77 9.35
N ALA A 860 -1.27 -59.94 10.27
CA ALA A 860 -0.50 -59.60 11.46
C ALA A 860 -0.73 -60.57 12.60
N GLU A 861 0.23 -60.66 13.52
CA GLU A 861 0.12 -61.55 14.67
C GLU A 861 -0.96 -61.07 15.61
N ASP A 862 -0.63 -60.01 16.36
CA ASP A 862 -1.55 -59.42 17.34
C ASP A 862 -3.00 -59.37 16.88
N GLY A 863 -3.21 -59.34 15.57
CA GLY A 863 -4.55 -59.27 15.04
C GLY A 863 -5.14 -60.57 14.57
N PRO A 864 -6.48 -60.66 14.51
CA PRO A 864 -7.24 -61.84 14.09
C PRO A 864 -6.84 -62.35 12.71
N GLY A 865 -5.67 -62.97 12.65
CA GLY A 865 -5.17 -63.49 11.39
C GLY A 865 -6.22 -64.16 10.51
N VAL A 866 -6.86 -63.36 9.66
CA VAL A 866 -7.88 -63.85 8.75
C VAL A 866 -7.51 -63.50 7.32
N THR A 867 -6.51 -64.20 6.76
CA THR A 867 -6.02 -63.96 5.40
C THR A 867 -7.10 -64.05 4.31
N TYR A 868 -7.20 -63.00 3.51
CA TYR A 868 -8.18 -62.94 2.44
C TYR A 868 -9.57 -63.20 3.00
N HIS A 869 -9.77 -62.83 4.26
CA HIS A 869 -11.07 -63.01 4.91
C HIS A 869 -11.90 -61.78 4.59
N GLN A 870 -13.19 -61.83 4.91
CA GLN A 870 -14.06 -60.71 4.59
C GLN A 870 -14.61 -59.89 5.74
N LEU A 871 -13.95 -58.76 6.02
CA LEU A 871 -14.41 -57.85 7.06
C LEU A 871 -15.60 -57.23 6.36
N THR A 872 -15.46 -57.13 5.05
CA THR A 872 -16.48 -56.58 4.16
C THR A 872 -17.75 -57.41 4.26
N HIS A 873 -17.57 -58.72 4.34
CA HIS A 873 -18.70 -59.64 4.43
C HIS A 873 -19.74 -59.10 5.40
N PHE A 874 -19.29 -58.71 6.59
CA PHE A 874 -20.19 -58.17 7.60
C PHE A 874 -19.49 -57.43 8.73
N MET A 875 -20.30 -56.92 9.64
CA MET A 875 -19.83 -56.20 10.81
C MET A 875 -21.00 -56.11 11.78
N GLN A 876 -21.54 -57.28 12.12
CA GLN A 876 -22.68 -57.37 13.03
C GLN A 876 -22.66 -58.68 13.84
N CYS A 877 -22.10 -59.73 13.25
CA CYS A 877 -22.04 -61.04 13.88
C CYS A 877 -23.44 -61.53 14.24
N THR A 878 -24.45 -60.90 13.65
CA THR A 878 -25.84 -61.27 13.90
C THR A 878 -26.12 -62.60 13.19
N GLU A 879 -25.16 -63.05 12.39
CA GLU A 879 -25.27 -64.31 11.67
C GLU A 879 -24.14 -65.26 12.07
N ASP A 880 -22.96 -64.69 12.28
CA ASP A 880 -21.79 -65.46 12.68
C ASP A 880 -21.48 -66.65 11.77
N HIS A 881 -20.96 -66.34 10.59
CA HIS A 881 -20.61 -67.37 9.62
C HIS A 881 -19.16 -67.81 9.79
N PRO A 882 -18.24 -66.84 9.89
CA PRO A 882 -16.81 -67.14 10.06
C PRO A 882 -16.46 -67.88 11.36
N HIS A 883 -16.58 -67.19 12.48
CA HIS A 883 -16.29 -67.79 13.78
C HIS A 883 -17.18 -69.01 13.95
N PHE A 884 -16.57 -70.13 14.34
CA PHE A 884 -17.30 -71.39 14.54
C PHE A 884 -17.35 -71.83 16.00
N GLU A 885 -16.46 -71.27 16.83
CA GLU A 885 -16.43 -71.63 18.24
C GLU A 885 -15.74 -70.55 19.08
N GLY A 886 -16.52 -69.86 19.91
CA GLY A 886 -15.97 -68.82 20.76
C GLY A 886 -16.99 -67.82 21.26
N LEU A 887 -16.52 -66.71 21.80
CA LEU A 887 -17.38 -65.66 22.33
C LEU A 887 -16.71 -64.29 22.20
N ASP A 888 -16.45 -63.89 20.95
CA ASP A 888 -15.81 -62.60 20.67
C ASP A 888 -16.11 -62.10 19.26
N CYS A 889 -16.43 -60.81 19.16
CA CYS A 889 -16.75 -60.20 17.88
C CYS A 889 -16.28 -58.76 17.76
N GLU A 890 -16.71 -57.90 18.68
CA GLU A 890 -16.33 -56.48 18.62
C GLU A 890 -14.84 -56.19 18.77
N ILE A 891 -14.06 -56.69 17.83
CA ILE A 891 -12.61 -56.47 17.83
C ILE A 891 -12.27 -55.57 16.64
N PHE A 892 -13.25 -55.39 15.76
CA PHE A 892 -13.07 -54.55 14.58
C PHE A 892 -12.81 -53.13 15.05
N GLU A 893 -13.20 -52.85 16.28
CA GLU A 893 -13.03 -51.52 16.87
C GLU A 893 -11.73 -51.41 17.64
N ALA A 894 -10.78 -52.27 17.32
CA ALA A 894 -9.48 -52.27 17.98
C ALA A 894 -8.66 -51.05 17.61
N PRO A 895 -7.93 -50.48 18.58
CA PRO A 895 -7.12 -49.29 18.32
C PRO A 895 -5.84 -49.57 17.51
N GLU A 896 -5.31 -50.79 17.63
CA GLU A 896 -4.09 -51.16 16.92
C GLU A 896 -4.15 -50.88 15.42
N PRO A 897 -5.20 -51.38 14.73
CA PRO A 897 -5.33 -51.15 13.29
C PRO A 897 -5.39 -49.67 12.90
N MET A 898 -6.16 -48.89 13.65
CA MET A 898 -6.28 -47.47 13.38
C MET A 898 -4.90 -46.84 13.59
N THR A 899 -4.21 -47.31 14.62
CA THR A 899 -2.89 -46.77 14.92
C THR A 899 -1.93 -47.07 13.77
N MET A 900 -2.19 -48.15 13.04
CA MET A 900 -1.34 -48.50 11.91
C MET A 900 -1.60 -47.51 10.77
N ALA A 901 -2.86 -47.19 10.55
CA ALA A 901 -3.24 -46.27 9.49
C ALA A 901 -2.67 -44.87 9.76
N LEU A 902 -2.92 -44.36 10.96
CA LEU A 902 -2.45 -43.04 11.35
C LEU A 902 -0.93 -42.92 11.24
N SER A 903 -0.21 -43.94 11.71
CA SER A 903 1.25 -43.91 11.64
C SER A 903 1.71 -43.88 10.20
N VAL A 904 0.96 -44.53 9.32
CA VAL A 904 1.30 -44.55 7.91
C VAL A 904 1.07 -43.13 7.36
N LEU A 905 -0.06 -42.54 7.74
CA LEU A 905 -0.38 -41.19 7.31
C LEU A 905 0.74 -40.28 7.74
N VAL A 906 0.96 -40.21 9.04
CA VAL A 906 2.01 -39.38 9.58
C VAL A 906 3.35 -39.59 8.88
N THR A 907 3.75 -40.85 8.67
CA THR A 907 5.04 -41.11 8.03
C THR A 907 5.10 -40.69 6.57
N ILE A 908 4.02 -40.92 5.82
CA ILE A 908 4.00 -40.53 4.41
C ILE A 908 3.96 -39.01 4.30
N GLU A 909 3.40 -38.34 5.31
CA GLU A 909 3.33 -36.88 5.28
C GLU A 909 4.65 -36.24 5.65
N MET A 910 5.38 -36.86 6.58
CA MET A 910 6.70 -36.33 6.93
C MET A 910 7.57 -36.57 5.71
N CYS A 911 7.21 -37.55 4.90
CA CYS A 911 7.95 -37.85 3.69
C CYS A 911 7.54 -36.88 2.58
N ASN A 912 6.23 -36.73 2.37
CA ASN A 912 5.76 -35.84 1.33
C ASN A 912 6.16 -34.38 1.57
N ALA A 913 6.47 -34.04 2.81
CA ALA A 913 6.91 -32.69 3.15
C ALA A 913 8.27 -32.54 2.50
N LEU A 914 9.13 -33.53 2.71
CA LEU A 914 10.45 -33.51 2.11
C LEU A 914 10.30 -33.38 0.59
N ASN A 915 9.31 -34.08 0.02
CA ASN A 915 9.06 -34.01 -1.42
C ASN A 915 8.54 -32.62 -1.80
N SER A 916 8.26 -31.80 -0.79
CA SER A 916 7.74 -30.47 -1.05
C SER A 916 8.77 -29.36 -1.10
N LEU A 917 9.99 -29.63 -0.62
CA LEU A 917 11.05 -28.63 -0.65
C LEU A 917 11.19 -28.02 -2.03
N SER A 918 10.94 -28.82 -3.06
CA SER A 918 11.03 -28.35 -4.44
C SER A 918 9.94 -28.96 -5.28
N GLU A 919 9.40 -28.20 -6.21
CA GLU A 919 8.33 -28.73 -7.05
C GLU A 919 8.84 -29.87 -7.94
N ASN A 920 9.90 -29.59 -8.71
CA ASN A 920 10.44 -30.58 -9.63
C ASN A 920 11.88 -31.07 -9.41
N GLN A 921 12.57 -30.52 -8.42
CA GLN A 921 13.95 -30.93 -8.16
C GLN A 921 14.06 -32.11 -7.22
N SER A 922 14.72 -33.17 -7.68
CA SER A 922 14.90 -34.38 -6.88
C SER A 922 15.61 -34.08 -5.56
N LEU A 923 15.39 -34.95 -4.58
CA LEU A 923 16.01 -34.79 -3.29
C LEU A 923 17.50 -35.08 -3.42
N MET A 924 17.90 -35.49 -4.62
CA MET A 924 19.31 -35.77 -4.93
C MET A 924 19.99 -34.44 -5.23
N ARG A 925 19.31 -33.62 -6.03
CA ARG A 925 19.82 -32.29 -6.42
C ARG A 925 19.69 -31.32 -5.24
N MET A 926 18.50 -31.25 -4.67
CA MET A 926 18.23 -30.38 -3.53
C MET A 926 17.93 -31.23 -2.31
N PRO A 927 18.95 -31.52 -1.50
CA PRO A 927 18.92 -32.33 -0.27
C PRO A 927 17.96 -31.80 0.78
N PRO A 928 17.41 -32.70 1.61
CA PRO A 928 16.48 -32.34 2.68
C PRO A 928 17.05 -31.25 3.57
N TRP A 929 18.33 -31.36 3.90
CA TRP A 929 18.97 -30.39 4.78
C TRP A 929 19.07 -28.96 4.22
N VAL A 930 18.54 -28.74 3.01
CA VAL A 930 18.54 -27.40 2.43
C VAL A 930 17.70 -26.49 3.32
N ASN A 931 16.78 -27.08 4.07
CA ASN A 931 15.91 -26.37 5.00
C ASN A 931 16.03 -27.10 6.32
N ILE A 932 16.76 -26.51 7.26
CA ILE A 932 16.96 -27.12 8.57
C ILE A 932 15.70 -27.06 9.41
N TRP A 933 14.92 -26.01 9.25
CA TRP A 933 13.69 -25.88 10.00
C TRP A 933 12.80 -27.07 9.71
N LEU A 934 12.72 -27.44 8.44
CA LEU A 934 11.90 -28.57 8.03
C LEU A 934 12.28 -29.86 8.76
N LEU A 935 13.55 -30.24 8.71
CA LEU A 935 14.00 -31.45 9.38
C LEU A 935 13.56 -31.41 10.84
N GLY A 936 13.92 -30.31 11.50
CA GLY A 936 13.58 -30.13 12.90
C GLY A 936 12.10 -30.18 13.20
N SER A 937 11.29 -29.67 12.28
CA SER A 937 9.85 -29.69 12.50
C SER A 937 9.38 -31.14 12.50
N ILE A 938 9.91 -31.93 11.56
CA ILE A 938 9.55 -33.33 11.47
C ILE A 938 9.89 -34.06 12.77
N CYS A 939 11.05 -33.75 13.33
CA CYS A 939 11.45 -34.38 14.58
C CYS A 939 10.43 -34.06 15.68
N LEU A 940 9.95 -32.82 15.71
CA LEU A 940 8.97 -32.41 16.70
C LEU A 940 7.62 -33.09 16.46
N SER A 941 7.21 -33.19 15.20
CA SER A 941 5.93 -33.82 14.85
C SER A 941 5.89 -35.28 15.29
N MET A 942 6.95 -36.03 14.99
CA MET A 942 7.00 -37.43 15.39
C MET A 942 6.96 -37.51 16.92
N SER A 943 7.74 -36.66 17.58
CA SER A 943 7.76 -36.68 19.04
C SER A 943 6.35 -36.47 19.57
N LEU A 944 5.61 -35.59 18.92
CA LEU A 944 4.24 -35.30 19.33
C LEU A 944 3.38 -36.51 19.04
N HIS A 945 3.78 -37.29 18.04
CA HIS A 945 3.04 -38.50 17.68
C HIS A 945 3.17 -39.51 18.81
N PHE A 946 4.40 -39.83 19.18
CA PHE A 946 4.62 -40.78 20.26
C PHE A 946 3.92 -40.28 21.51
N LEU A 947 3.89 -38.96 21.67
CA LEU A 947 3.23 -38.33 22.82
C LEU A 947 1.79 -38.83 22.96
N ILE A 948 1.00 -38.70 21.90
CA ILE A 948 -0.39 -39.13 21.93
C ILE A 948 -0.54 -40.64 22.00
N LEU A 949 0.58 -41.35 21.94
CA LEU A 949 0.55 -42.81 21.99
C LEU A 949 0.86 -43.40 23.37
N TYR A 950 1.70 -42.71 24.15
CA TYR A 950 2.09 -43.20 25.47
C TYR A 950 1.52 -42.48 26.69
N VAL A 951 1.29 -41.17 26.59
CA VAL A 951 0.76 -40.44 27.73
C VAL A 951 -0.71 -40.71 27.98
N ASP A 952 -0.98 -41.83 28.64
CA ASP A 952 -2.31 -42.33 28.99
C ASP A 952 -3.55 -41.50 28.64
N PRO A 953 -3.67 -40.29 29.20
CA PRO A 953 -4.88 -39.51 28.85
C PRO A 953 -5.17 -39.47 27.35
N LEU A 954 -4.12 -39.29 26.54
CA LEU A 954 -4.24 -39.15 25.09
C LEU A 954 -4.57 -40.39 24.25
N PRO A 955 -3.87 -41.51 24.46
CA PRO A 955 -4.18 -42.70 23.66
C PRO A 955 -5.64 -43.15 23.74
N MET A 956 -6.31 -42.77 24.82
CA MET A 956 -7.71 -43.11 25.02
C MET A 956 -8.59 -42.21 24.14
N ILE A 957 -8.25 -40.93 24.15
CA ILE A 957 -8.97 -39.91 23.39
C ILE A 957 -8.85 -40.10 21.88
N PHE A 958 -7.68 -40.59 21.44
CA PHE A 958 -7.43 -40.81 20.03
C PHE A 958 -7.66 -42.24 19.58
N LYS A 959 -7.86 -43.14 20.55
CA LYS A 959 -8.08 -44.55 20.26
C LYS A 959 -6.86 -45.12 19.54
N LEU A 960 -5.70 -44.98 20.19
CA LEU A 960 -4.44 -45.45 19.65
C LEU A 960 -3.67 -46.35 20.61
N LYS A 961 -2.83 -47.23 20.06
CA LYS A 961 -2.03 -48.14 20.88
C LYS A 961 -0.63 -48.27 20.34
N ALA A 962 0.36 -48.10 21.22
CA ALA A 962 1.76 -48.22 20.83
C ALA A 962 1.97 -49.45 19.97
N LEU A 963 2.81 -49.34 18.95
CA LEU A 963 3.08 -50.45 18.05
C LEU A 963 4.33 -51.25 18.42
N ASP A 964 4.36 -52.50 17.97
CA ASP A 964 5.49 -53.38 18.23
C ASP A 964 6.55 -53.02 17.19
N LEU A 965 7.82 -53.20 17.53
CA LEU A 965 8.91 -52.87 16.62
C LEU A 965 8.68 -53.46 15.23
N THR A 966 7.92 -54.55 15.16
CA THR A 966 7.62 -55.22 13.90
C THR A 966 6.60 -54.40 13.10
N GLN A 967 5.58 -53.93 13.81
CA GLN A 967 4.53 -53.13 13.21
C GLN A 967 5.09 -51.82 12.65
N TRP A 968 5.93 -51.16 13.45
CA TRP A 968 6.56 -49.90 13.04
C TRP A 968 7.30 -50.02 11.72
N LEU A 969 7.93 -51.17 11.51
CA LEU A 969 8.67 -51.42 10.28
C LEU A 969 7.72 -51.62 9.11
N MET A 970 6.55 -52.19 9.37
CA MET A 970 5.59 -52.38 8.29
C MET A 970 5.08 -50.99 7.90
N VAL A 971 5.17 -50.06 8.85
CA VAL A 971 4.75 -48.69 8.60
C VAL A 971 5.80 -48.10 7.68
N LEU A 972 7.07 -48.37 7.98
CA LEU A 972 8.17 -47.87 7.16
C LEU A 972 8.21 -48.57 5.80
N LYS A 973 7.66 -49.79 5.73
CA LYS A 973 7.62 -50.54 4.48
C LYS A 973 6.57 -49.93 3.56
N ILE A 974 5.52 -49.37 4.16
CA ILE A 974 4.43 -48.78 3.40
C ILE A 974 4.64 -47.29 3.10
N SER A 975 5.25 -46.57 4.04
CA SER A 975 5.48 -45.15 3.88
C SER A 975 6.63 -44.72 2.97
N LEU A 976 7.86 -45.00 3.41
CA LEU A 976 9.07 -44.63 2.66
C LEU A 976 8.99 -44.69 1.14
N PRO A 977 8.34 -45.73 0.59
CA PRO A 977 8.24 -45.80 -0.88
C PRO A 977 7.60 -44.59 -1.55
N VAL A 978 6.90 -43.75 -0.78
CA VAL A 978 6.25 -42.56 -1.34
C VAL A 978 7.29 -41.64 -1.99
N ILE A 979 8.43 -41.51 -1.32
CA ILE A 979 9.51 -40.68 -1.83
C ILE A 979 9.90 -41.13 -3.24
N GLY A 980 10.02 -42.44 -3.43
CA GLY A 980 10.38 -42.95 -4.74
C GLY A 980 9.34 -42.66 -5.80
N LEU A 981 8.06 -42.75 -5.44
CA LEU A 981 6.98 -42.48 -6.39
C LEU A 981 7.06 -41.06 -6.94
N ASP A 982 7.16 -40.08 -6.05
CA ASP A 982 7.22 -38.70 -6.46
C ASP A 982 8.52 -38.40 -7.18
N GLU A 983 9.59 -39.07 -6.76
CA GLU A 983 10.89 -38.89 -7.38
C GLU A 983 10.80 -39.26 -8.84
N ILE A 984 10.10 -40.35 -9.12
CA ILE A 984 9.94 -40.83 -10.48
C ILE A 984 9.08 -39.87 -11.29
N LEU A 985 8.03 -39.33 -10.66
CA LEU A 985 7.14 -38.39 -11.32
C LEU A 985 7.83 -37.05 -11.59
N LYS A 986 8.71 -36.66 -10.68
CA LYS A 986 9.45 -35.42 -10.86
C LYS A 986 10.36 -35.61 -12.07
N PHE A 987 11.07 -36.74 -12.08
CA PHE A 987 11.98 -37.07 -13.17
C PHE A 987 11.28 -36.93 -14.52
N ILE A 988 10.03 -37.35 -14.58
CA ILE A 988 9.26 -37.26 -15.82
C ILE A 988 9.01 -35.82 -16.22
N ALA A 989 8.70 -34.97 -15.24
CA ALA A 989 8.44 -33.57 -15.51
C ALA A 989 9.71 -32.86 -16.02
N ARG A 990 10.87 -33.30 -15.54
CA ARG A 990 12.14 -32.69 -15.94
C ARG A 990 12.66 -33.12 -17.30
N ASN A 991 12.46 -34.39 -17.66
CA ASN A 991 12.97 -34.91 -18.92
C ASN A 991 12.01 -35.16 -20.07
N TYR A 992 10.71 -35.27 -19.80
CA TYR A 992 9.76 -35.52 -20.89
C TYR A 992 8.64 -34.49 -20.90
N LEU A 993 8.95 -33.31 -20.39
CA LEU A 993 7.99 -32.21 -20.33
C LEU A 993 8.67 -30.84 -20.37
N GLU A 994 9.74 -30.72 -21.17
CA GLU A 994 10.46 -29.46 -21.28
C GLU A 994 10.43 -28.90 -22.71
N GLY A 995 10.11 -27.61 -22.82
CA GLY A 995 10.04 -26.96 -24.11
C GLY A 995 9.23 -25.68 -24.07
NA NA B . -5.48 -0.09 -2.50
MG MG C . 6.39 23.32 -5.14
MG MG D . 0.63 14.72 -1.54
C34 TG1 E . -8.22 -25.68 -9.44
C11 TG1 E . -8.69 -26.30 -8.08
C7 TG1 E . -8.27 -27.81 -7.87
C8 TG1 E . -6.79 -28.05 -7.38
C9 TG1 E . -6.31 -29.52 -7.37
C10 TG1 E . -7.07 -30.60 -6.49
C1 TG1 E . -8.64 -30.76 -6.83
C2 TG1 E . -9.28 -32.07 -6.24
O1 TG1 E . -9.74 -32.91 -7.34
C13 TG1 E . -9.43 -34.27 -7.28
O2 TG1 E . -8.67 -34.79 -6.48
C14 TG1 E . -10.21 -35.01 -8.37
C15 TG1 E . -11.32 -35.97 -7.88
C16 TG1 E . -10.89 -37.32 -7.26
C17 TG1 E . -11.17 -37.45 -5.74
C18 TG1 E . -12.37 -38.37 -5.44
C19 TG1 E . -12.22 -39.57 -4.46
C20 TG1 E . -13.24 -40.67 -4.76
C3 TG1 E . -10.50 -31.65 -5.35
O3 TG1 E . -10.13 -32.01 -3.97
C21 TG1 E . -10.90 -32.87 -3.28
O4 TG1 E . -12.09 -33.31 -3.57
C22 TG1 E . -10.09 -33.61 -2.19
C23 TG1 E . -10.08 -35.12 -2.49
C24 TG1 E . -9.39 -33.18 -1.13
C25 TG1 E . -9.15 -31.76 -0.62
C4 TG1 E . -10.59 -30.13 -5.56
C26 TG1 E . -11.63 -29.33 -4.78
C5 TG1 E . -9.63 -29.66 -6.39
C6 TG1 E . -9.38 -28.20 -6.84
O5 TG1 E . -10.55 -27.61 -7.46
C12 TG1 E . -10.21 -26.41 -7.96
O12 TG1 E . -10.99 -25.50 -8.25
C31 TG1 E . -6.86 -30.40 -4.95
O9 TG1 E . -6.45 -31.94 -6.71
C32 TG1 E . -5.19 -32.40 -6.81
O10 TG1 E . -4.16 -31.74 -6.70
C33 TG1 E . -5.18 -33.83 -7.12
O7 TG1 E . -6.56 -27.38 -6.07
C27 TG1 E . -5.66 -26.28 -5.97
O8 TG1 E . -5.01 -25.79 -6.88
C28 TG1 E . -5.72 -25.70 -4.57
C29 TG1 E . -6.28 -24.26 -4.57
C30 TG1 E . -5.91 -23.60 -3.26
O6 TG1 E . -8.53 -28.54 -9.11
O11 TG1 E . -8.42 -25.37 -7.03
C1 PTY F . -7.93 -19.92 12.31
C2 PTY F . -7.49 -16.89 4.93
C3 PTY F . -8.34 -16.24 6.10
O4 PTY F . -7.36 -20.94 13.24
C5 PTY F . -7.99 -17.42 11.49
C6 PTY F . -7.23 -18.49 12.34
O7 PTY F . -5.76 -18.55 12.10
C8 PTY F . -4.94 -17.96 13.00
O10 PTY F . -4.75 -16.76 13.00
C11 PTY F . -4.28 -18.80 14.08
C30 PTY F . -8.22 -21.88 13.73
C31 PTY F . -8.57 -21.73 15.21
O30 PTY F . -8.67 -22.81 13.12
P1 PTY F . -8.28 -16.31 8.94
O11 PTY F . -8.28 -16.93 7.45
O12 PTY F . -7.20 -15.12 9.05
O13 PTY F . -9.71 -15.70 9.32
O14 PTY F . -7.69 -17.28 10.09
N1 PTY F . -7.13 -16.02 3.78
C1 PTY G . 16.60 -39.28 -9.29
C2 PTY G . 18.92 -35.72 -16.80
C3 PTY G . 17.94 -35.25 -15.66
O4 PTY G . 16.44 -40.74 -9.58
C5 PTY G . 17.44 -37.98 -11.38
C6 PTY G . 17.88 -38.50 -9.96
O7 PTY G . 19.15 -39.28 -10.06
C8 PTY G . 20.27 -38.86 -9.40
O10 PTY G . 20.76 -37.74 -9.50
C11 PTY G . 20.90 -39.88 -8.46
C30 PTY G . 15.20 -41.30 -9.45
C31 PTY G . 14.96 -42.13 -8.18
O30 PTY G . 14.33 -41.22 -10.27
P1 PTY G . 18.33 -36.04 -13.17
O11 PTY G . 17.87 -36.31 -14.66
O12 PTY G . 19.79 -35.39 -12.96
O13 PTY G . 17.49 -34.82 -12.62
O14 PTY G . 18.40 -37.37 -12.25
N1 PTY G . 18.99 -37.18 -17.10
C1 PTY H . -21.05 -51.25 -8.42
C2 PTY H . -20.19 -53.55 -1.99
C3 PTY H . -20.07 -54.74 -3.01
O4 PTY H . -22.20 -50.32 -8.56
C5 PTY H . -21.53 -53.79 -8.01
C6 PTY H . -21.29 -52.67 -9.08
O7 PTY H . -20.20 -52.94 -10.05
C8 PTY H . -20.47 -52.85 -11.40
O10 PTY H . -21.32 -53.54 -11.94
C11 PTY H . -19.73 -51.81 -12.20
C30 PTY H . -22.03 -49.29 -9.41
C31 PTY H . -21.64 -47.95 -8.80
O30 PTY H . -22.20 -49.38 -10.60
P1 PTY H . -20.42 -55.10 -5.78
O11 PTY H . -20.45 -54.31 -4.40
O12 PTY H . -19.09 -56.01 -5.89
O13 PTY H . -21.65 -56.12 -5.87
O14 PTY H . -20.51 -54.10 -7.05
N1 PTY H . -19.08 -53.37 -1.03
PB ADP I . 6.72 22.26 -8.01
O1B ADP I . 7.49 22.76 -6.84
O2B ADP I . 7.69 21.41 -8.99
O3B ADP I . 5.62 21.37 -7.52
PA ADP I . 5.44 24.75 -8.40
O1A ADP I . 5.55 25.08 -6.92
O2A ADP I . 3.99 24.87 -8.84
O3A ADP I . 6.11 23.46 -8.79
O5' ADP I . 6.25 25.90 -9.18
C5' ADP I . 6.30 25.93 -10.60
C4' ADP I . 7.45 26.80 -11.14
O4' ADP I . 7.58 28.08 -10.48
C3' ADP I . 8.78 26.10 -11.05
O3' ADP I . 9.18 25.45 -12.28
C2' ADP I . 9.80 27.13 -10.57
O2' ADP I . 10.74 27.49 -11.60
C1' ADP I . 8.91 28.18 -10.01
N9 ADP I . 9.00 28.35 -8.50
C8 ADP I . 8.89 27.30 -7.63
N7 ADP I . 9.00 27.73 -6.36
C5 ADP I . 9.17 29.05 -6.37
C6 ADP I . 9.34 30.10 -5.40
N6 ADP I . 9.35 29.84 -4.07
N1 ADP I . 9.49 31.42 -5.82
C2 ADP I . 9.49 31.77 -7.14
N3 ADP I . 9.33 30.79 -8.07
C4 ADP I . 9.17 29.45 -7.75
#